data_7QW8
#
_entry.id   7QW8
#
_cell.length_a   53.700
_cell.length_b   85.700
_cell.length_c   151.800
_cell.angle_alpha   90.000
_cell.angle_beta   95.100
_cell.angle_gamma   90.000
#
_symmetry.space_group_name_H-M   'P 1 21 1'
#
loop_
_entity.id
_entity.type
_entity.pdbx_description
1 polymer 'Modification methylase BseCI'
2 water water
#
_entity_poly.entity_id   1
_entity_poly.type   'polypeptide(L)'
_entity_poly.pdbx_seq_one_letter_code
;MMSVQKANTVSRQKATGAHFTPDKLAEVIAKRILDYFKGEKNRVIRVLDPACGDGELLLAINKVAQSMNIQLELIGVDFD
IDAINIANERLSRSGHKNFRLINKDFLEMVSEGDNYDLFNIEELEPVDIIIANPPYVRTQILGAEKAQKLREKFNLKGRV
DLYQAFLVAMTQQLKSNGIIGVITSNRYLTTKGGESTRKFLVSNFNILEIMDLGDSKFFEAAVLPAIFFGEKKNKEYQKE
NSNVPKFFKIYEQSDIEASSSVNSEFNSLIELLEVNKSGLYSVEDKTYSISLGKIISPENYKEPWILATEDEYEWFMKVN
QNAYGFIEDFAHVKVGIKTTADSVFIRSDWGELPEEQIPEDKLLRPIISADQANKWSVSLVGNNKKVLYTHEIRDGQIKA
INLEEFPRAKNYLESHKERLASRKYVLKANRNWYEIWVPHDPSLWDKPKIIFPDTSPEPKFFYEDKGSVVDGNCYWIIPK
KENSNDILFLIMGICNSKFMSKYHDIAFQNKLYAGRRRYLTQYVNKYPIPDPESIYSKEIISLVRELVNNKKETQDINEI
ENRIEKLILRAFDIESLKYHHHHHH
;
_entity_poly.pdbx_strand_id   A,B
#
# COMPACT_ATOMS: atom_id res chain seq x y z
N ASP A 23 18.10 -37.02 -14.28
CA ASP A 23 17.91 -35.58 -14.34
C ASP A 23 16.78 -35.14 -13.41
N LYS A 24 17.07 -34.17 -12.56
CA LYS A 24 16.09 -33.75 -11.53
C LYS A 24 15.12 -32.72 -12.10
N LEU A 25 13.92 -32.67 -11.54
CA LEU A 25 12.93 -31.67 -11.93
C LEU A 25 13.43 -30.26 -11.64
N ALA A 26 14.18 -30.10 -10.55
CA ALA A 26 14.73 -28.79 -10.21
C ALA A 26 15.70 -28.28 -11.27
N GLU A 27 16.35 -29.20 -12.00
CA GLU A 27 17.28 -28.78 -13.04
C GLU A 27 16.54 -28.22 -14.25
N VAL A 28 15.37 -28.76 -14.57
CA VAL A 28 14.57 -28.19 -15.66
C VAL A 28 14.09 -26.80 -15.28
N ILE A 29 13.77 -26.59 -14.00
CA ILE A 29 13.42 -25.26 -13.52
C ILE A 29 14.64 -24.35 -13.58
N ALA A 30 15.80 -24.87 -13.17
CA ALA A 30 17.03 -24.08 -13.19
C ALA A 30 17.41 -23.68 -14.61
N LYS A 31 17.30 -24.61 -15.56
CA LYS A 31 17.66 -24.31 -16.94
C LYS A 31 16.73 -23.25 -17.53
N ARG A 32 15.43 -23.34 -17.23
CA ARG A 32 14.50 -22.33 -17.72
C ARG A 32 14.77 -20.97 -17.08
N ILE A 33 15.06 -20.95 -15.78
CA ILE A 33 15.29 -19.69 -15.09
C ILE A 33 16.50 -18.97 -15.69
N LEU A 34 17.62 -19.68 -15.84
CA LEU A 34 18.83 -19.05 -16.36
C LEU A 34 18.69 -18.66 -17.82
N ASP A 35 17.91 -19.42 -18.59
CA ASP A 35 17.67 -19.04 -19.99
C ASP A 35 16.78 -17.81 -20.08
N TYR A 36 15.88 -17.61 -19.13
CA TYR A 36 15.03 -16.43 -19.12
C TYR A 36 15.73 -15.19 -18.59
N PHE A 37 16.82 -15.36 -17.83
CA PHE A 37 17.50 -14.24 -17.21
C PHE A 37 18.18 -13.41 -18.28
N LYS A 38 17.72 -12.17 -18.47
CA LYS A 38 18.24 -11.28 -19.50
C LYS A 38 19.38 -10.41 -18.99
N GLY A 39 19.81 -10.59 -17.75
CA GLY A 39 20.89 -9.79 -17.21
C GLY A 39 22.23 -10.22 -17.77
N GLU A 40 23.26 -9.46 -17.39
CA GLU A 40 24.61 -9.76 -17.85
C GLU A 40 25.12 -11.06 -17.25
N LYS A 41 25.69 -11.91 -18.11
CA LYS A 41 26.06 -13.27 -17.76
C LYS A 41 27.49 -13.41 -17.26
N ASN A 42 28.28 -12.32 -17.22
CA ASN A 42 29.68 -12.40 -16.85
C ASN A 42 29.95 -11.85 -15.46
N ARG A 43 28.88 -11.82 -14.65
CA ARG A 43 28.96 -11.29 -13.27
C ARG A 43 28.44 -12.32 -12.29
N VAL A 44 28.58 -12.07 -11.00
CA VAL A 44 28.06 -12.96 -9.96
C VAL A 44 26.56 -12.74 -9.85
N ILE A 45 25.79 -13.81 -10.03
CA ILE A 45 24.33 -13.76 -9.96
C ILE A 45 23.89 -14.21 -8.57
N ARG A 46 23.09 -13.38 -7.91
CA ARG A 46 22.60 -13.68 -6.56
C ARG A 46 21.29 -14.45 -6.67
N VAL A 47 21.26 -15.65 -6.07
CA VAL A 47 20.10 -16.54 -6.14
C VAL A 47 19.60 -16.78 -4.72
N LEU A 48 18.31 -16.56 -4.50
CA LEU A 48 17.69 -16.74 -3.20
C LEU A 48 16.68 -17.87 -3.26
N ASP A 49 16.79 -18.81 -2.31
CA ASP A 49 15.76 -19.80 -2.06
C ASP A 49 15.18 -19.54 -0.68
N PRO A 50 14.00 -18.94 -0.57
CA PRO A 50 13.47 -18.57 0.76
C PRO A 50 13.14 -19.77 1.64
N ALA A 51 12.90 -20.94 1.05
CA ALA A 51 12.66 -22.19 1.78
C ALA A 51 13.49 -23.28 1.11
N CYS A 52 14.77 -23.34 1.49
CA CYS A 52 15.73 -24.16 0.75
C CYS A 52 15.62 -25.62 1.20
N GLY A 53 15.27 -25.86 2.47
CA GLY A 53 15.21 -27.22 2.95
C GLY A 53 16.58 -27.87 2.93
N ASP A 54 16.71 -28.95 2.19
CA ASP A 54 17.98 -29.65 2.02
C ASP A 54 18.82 -29.08 0.89
N GLY A 55 18.36 -28.01 0.23
CA GLY A 55 19.14 -27.40 -0.82
C GLY A 55 19.00 -28.03 -2.19
N GLU A 56 17.86 -28.66 -2.47
CA GLU A 56 17.66 -29.28 -3.78
C GLU A 56 17.69 -28.24 -4.90
N LEU A 57 16.95 -27.14 -4.72
CA LEU A 57 16.87 -26.13 -5.76
C LEU A 57 18.19 -25.38 -5.93
N LEU A 58 18.85 -25.04 -4.83
CA LEU A 58 20.11 -24.31 -4.90
C LEU A 58 21.20 -25.14 -5.56
N LEU A 59 21.27 -26.44 -5.24
CA LEU A 59 22.25 -27.30 -5.88
C LEU A 59 21.98 -27.42 -7.37
N ALA A 60 20.70 -27.49 -7.76
CA ALA A 60 20.35 -27.65 -9.18
C ALA A 60 20.73 -26.42 -9.98
N ILE A 61 20.40 -25.22 -9.49
CA ILE A 61 20.68 -24.02 -10.24
C ILE A 61 22.19 -23.77 -10.33
N ASN A 62 22.95 -24.22 -9.34
CA ASN A 62 24.40 -24.09 -9.40
C ASN A 62 24.99 -25.06 -10.42
N LYS A 63 24.42 -26.27 -10.51
CA LYS A 63 24.92 -27.25 -11.48
C LYS A 63 24.69 -26.78 -12.91
N VAL A 64 23.52 -26.20 -13.18
CA VAL A 64 23.24 -25.68 -14.52
C VAL A 64 24.10 -24.46 -14.80
N ALA A 65 24.34 -23.64 -13.77
CA ALA A 65 25.18 -22.46 -13.96
C ALA A 65 26.63 -22.82 -14.25
N GLN A 66 27.13 -23.91 -13.65
CA GLN A 66 28.48 -24.36 -13.98
C GLN A 66 28.58 -24.84 -15.42
N SER A 67 27.50 -25.43 -15.96
CA SER A 67 27.49 -25.82 -17.36
C SER A 67 27.56 -24.62 -18.29
N MET A 68 27.17 -23.43 -17.81
CA MET A 68 27.21 -22.21 -18.61
C MET A 68 28.23 -21.22 -18.08
N ASN A 69 29.17 -21.68 -17.26
CA ASN A 69 30.21 -20.84 -16.65
C ASN A 69 29.63 -19.57 -16.05
N ILE A 70 28.56 -19.74 -15.27
CA ILE A 70 27.90 -18.65 -14.56
C ILE A 70 28.25 -18.73 -13.09
N GLN A 71 28.68 -17.60 -12.52
CA GLN A 71 29.05 -17.53 -11.11
C GLN A 71 27.82 -17.12 -10.30
N LEU A 72 27.47 -17.94 -9.31
CA LEU A 72 26.30 -17.69 -8.47
C LEU A 72 26.71 -17.43 -7.03
N GLU A 73 25.98 -16.54 -6.37
CA GLU A 73 26.00 -16.42 -4.92
C GLU A 73 24.69 -17.03 -4.42
N LEU A 74 24.79 -18.22 -3.81
CA LEU A 74 23.62 -18.96 -3.37
C LEU A 74 23.24 -18.55 -1.96
N ILE A 75 22.03 -18.04 -1.79
CA ILE A 75 21.49 -17.66 -0.48
C ILE A 75 20.30 -18.56 -0.19
N GLY A 76 20.40 -19.32 0.89
CA GLY A 76 19.31 -20.18 1.29
C GLY A 76 18.80 -19.86 2.68
N VAL A 77 17.49 -19.71 2.82
CA VAL A 77 16.86 -19.41 4.09
C VAL A 77 15.86 -20.51 4.39
N ASP A 78 15.90 -21.03 5.62
CA ASP A 78 14.91 -22.03 6.03
C ASP A 78 14.95 -22.17 7.55
N PHE A 79 13.78 -22.43 8.11
CA PHE A 79 13.68 -22.80 9.51
C PHE A 79 14.10 -24.25 9.71
N ASP A 80 14.33 -24.61 10.98
CA ASP A 80 14.75 -25.96 11.36
C ASP A 80 16.21 -26.22 10.99
N ILE A 81 17.07 -26.31 12.00
CA ILE A 81 18.51 -26.46 11.75
C ILE A 81 18.83 -27.76 11.01
N ASP A 82 18.02 -28.80 11.21
CA ASP A 82 18.32 -30.10 10.60
C ASP A 82 18.31 -30.01 9.07
N ALA A 83 17.37 -29.26 8.51
CA ALA A 83 17.36 -29.05 7.07
C ALA A 83 18.54 -28.18 6.64
N ILE A 84 18.85 -27.15 7.41
CA ILE A 84 19.96 -26.26 7.08
C ILE A 84 21.28 -27.02 7.15
N ASN A 85 21.45 -27.87 8.15
CA ASN A 85 22.69 -28.63 8.30
C ASN A 85 22.91 -29.56 7.11
N ILE A 86 21.87 -30.25 6.67
CA ILE A 86 21.99 -31.11 5.48
C ILE A 86 22.35 -30.27 4.26
N ALA A 87 21.71 -29.11 4.12
CA ALA A 87 22.01 -28.23 2.99
C ALA A 87 23.43 -27.70 3.04
N ASN A 88 23.98 -27.49 4.24
CA ASN A 88 25.32 -26.92 4.37
C ASN A 88 26.38 -27.89 3.86
N GLU A 89 26.28 -29.17 4.24
CA GLU A 89 27.28 -30.14 3.83
C GLU A 89 27.21 -30.45 2.35
N ARG A 90 26.01 -30.43 1.76
CA ARG A 90 25.87 -30.72 0.34
C ARG A 90 26.36 -29.56 -0.51
N LEU A 91 26.14 -28.32 -0.07
CA LEU A 91 26.62 -27.16 -0.80
C LEU A 91 28.14 -27.08 -0.78
N SER A 92 28.76 -27.44 0.35
CA SER A 92 30.21 -27.37 0.47
C SER A 92 30.88 -28.48 -0.34
N ARG A 93 30.28 -29.67 -0.38
CA ARG A 93 30.88 -30.79 -1.10
C ARG A 93 30.99 -30.50 -2.59
N SER A 94 30.08 -29.70 -3.15
CA SER A 94 30.09 -29.41 -4.58
C SER A 94 31.28 -28.55 -5.01
N GLY A 95 32.09 -28.06 -4.07
CA GLY A 95 33.19 -27.19 -4.40
C GLY A 95 32.80 -25.73 -4.50
N HIS A 96 31.50 -25.43 -4.48
CA HIS A 96 31.04 -24.05 -4.48
C HIS A 96 31.21 -23.50 -3.06
N LYS A 97 31.95 -22.40 -2.95
CA LYS A 97 32.21 -21.78 -1.65
C LYS A 97 31.45 -20.49 -1.45
N ASN A 98 30.81 -19.97 -2.50
CA ASN A 98 30.07 -18.72 -2.41
C ASN A 98 28.58 -19.02 -2.17
N PHE A 99 28.30 -19.55 -0.98
CA PHE A 99 26.94 -19.83 -0.55
C PHE A 99 26.77 -19.36 0.89
N ARG A 100 25.52 -19.23 1.30
CA ARG A 100 25.22 -18.67 2.63
C ARG A 100 23.84 -19.14 3.06
N LEU A 101 23.78 -19.82 4.20
CA LEU A 101 22.53 -20.33 4.74
C LEU A 101 22.13 -19.58 5.98
N ILE A 102 20.83 -19.27 6.09
CA ILE A 102 20.26 -18.50 7.19
C ILE A 102 19.18 -19.36 7.82
N ASN A 103 19.42 -19.83 9.05
CA ASN A 103 18.45 -20.64 9.78
C ASN A 103 17.42 -19.73 10.41
N LYS A 104 16.37 -19.41 9.65
CA LYS A 104 15.34 -18.50 10.10
C LYS A 104 14.13 -18.65 9.18
N ASP A 105 12.97 -18.25 9.69
CA ASP A 105 11.78 -18.20 8.86
C ASP A 105 11.85 -16.98 7.96
N PHE A 106 11.63 -17.19 6.65
CA PHE A 106 11.80 -16.10 5.69
C PHE A 106 10.80 -14.98 5.93
N LEU A 107 9.55 -15.32 6.25
CA LEU A 107 8.53 -14.31 6.50
C LEU A 107 8.87 -13.48 7.73
N GLU A 108 9.28 -14.13 8.82
CA GLU A 108 9.66 -13.41 10.02
C GLU A 108 10.96 -12.62 9.80
N MET A 109 11.87 -13.14 8.98
CA MET A 109 13.14 -12.46 8.73
C MET A 109 12.91 -11.13 8.02
N VAL A 110 12.19 -11.15 6.90
CA VAL A 110 11.91 -9.95 6.15
C VAL A 110 11.00 -9.03 6.97
N GLU A 123 21.22 -8.79 7.47
CA GLU A 123 20.59 -8.02 6.41
C GLU A 123 20.73 -8.77 5.08
N LEU A 124 19.72 -8.68 4.23
CA LEU A 124 19.68 -9.41 2.97
C LEU A 124 19.49 -8.43 1.81
N GLU A 125 20.50 -8.33 0.96
CA GLU A 125 20.41 -7.47 -0.22
C GLU A 125 19.44 -8.07 -1.24
N PRO A 126 18.86 -7.23 -2.10
CA PRO A 126 18.00 -7.75 -3.17
C PRO A 126 18.76 -8.72 -4.08
N VAL A 127 18.05 -9.74 -4.55
CA VAL A 127 18.66 -10.81 -5.32
C VAL A 127 18.23 -10.69 -6.79
N ASP A 128 18.92 -11.42 -7.65
CA ASP A 128 18.59 -11.47 -9.07
C ASP A 128 17.58 -12.55 -9.40
N ILE A 129 17.62 -13.68 -8.70
CA ILE A 129 16.82 -14.85 -9.03
C ILE A 129 16.27 -15.43 -7.74
N ILE A 130 14.98 -15.79 -7.77
CA ILE A 130 14.36 -16.56 -6.69
C ILE A 130 13.84 -17.85 -7.27
N ILE A 131 14.37 -18.97 -6.79
CA ILE A 131 13.85 -20.31 -7.11
C ILE A 131 13.28 -20.87 -5.81
N ALA A 132 11.98 -21.17 -5.81
CA ALA A 132 11.27 -21.41 -4.56
C ALA A 132 10.26 -22.53 -4.69
N ASN A 133 10.06 -23.23 -3.58
CA ASN A 133 8.97 -24.19 -3.41
C ASN A 133 8.35 -23.90 -2.05
N PRO A 134 7.48 -22.90 -1.96
CA PRO A 134 7.03 -22.43 -0.65
C PRO A 134 6.30 -23.53 0.10
N PRO A 135 6.38 -23.52 1.43
CA PRO A 135 5.80 -24.61 2.23
C PRO A 135 4.30 -24.44 2.53
N TYR A 136 3.88 -23.20 2.79
CA TYR A 136 2.51 -22.94 3.22
C TYR A 136 1.47 -23.49 2.27
N VAL A 137 0.87 -24.62 2.62
CA VAL A 137 -0.16 -25.25 1.81
C VAL A 137 -1.53 -25.19 2.49
N ARG A 138 -1.59 -25.52 3.79
CA ARG A 138 -2.85 -25.53 4.51
C ARG A 138 -3.22 -24.12 4.96
N THR A 139 -4.49 -23.77 4.78
CA THR A 139 -5.04 -22.53 5.33
C THR A 139 -5.25 -22.67 6.84
N GLN A 140 -4.92 -21.62 7.58
CA GLN A 140 -5.13 -21.62 9.02
C GLN A 140 -5.52 -20.21 9.47
N ILE A 141 -6.23 -20.14 10.61
CA ILE A 141 -6.44 -18.85 11.26
C ILE A 141 -5.13 -18.37 11.85
N LEU A 142 -4.83 -17.09 11.66
CA LEU A 142 -3.68 -16.46 12.27
C LEU A 142 -4.12 -15.61 13.46
N GLY A 143 -3.22 -15.48 14.44
CA GLY A 143 -3.47 -14.56 15.53
C GLY A 143 -3.62 -13.13 15.04
N ALA A 144 -4.43 -12.36 15.77
CA ALA A 144 -4.69 -10.98 15.36
C ALA A 144 -3.41 -10.15 15.35
N GLU A 145 -2.45 -10.48 16.21
CA GLU A 145 -1.19 -9.74 16.22
C GLU A 145 -0.34 -10.07 14.99
N LYS A 146 -0.33 -11.33 14.57
CA LYS A 146 0.37 -11.70 13.35
C LYS A 146 -0.41 -11.30 12.12
N ALA A 147 -1.73 -11.38 12.19
CA ALA A 147 -2.56 -10.98 11.05
C ALA A 147 -2.35 -9.51 10.71
N GLN A 148 -2.24 -8.65 11.73
CA GLN A 148 -2.05 -7.23 11.48
C GLN A 148 -0.62 -6.91 11.11
N LYS A 149 0.36 -7.54 11.76
CA LYS A 149 1.76 -7.29 11.44
C LYS A 149 2.07 -7.66 10.00
N LEU A 150 1.43 -8.69 9.47
CA LEU A 150 1.62 -9.07 8.07
C LEU A 150 0.81 -8.20 7.12
N ARG A 151 -0.32 -7.66 7.58
CA ARG A 151 -1.14 -6.79 6.74
C ARG A 151 -0.40 -5.52 6.38
N GLU A 152 0.13 -4.81 7.39
CA GLU A 152 0.75 -3.52 7.14
C GLU A 152 2.12 -3.67 6.48
N LYS A 153 2.90 -4.66 6.90
CA LYS A 153 4.27 -4.79 6.40
C LYS A 153 4.31 -5.17 4.93
N PHE A 154 3.26 -5.81 4.41
CA PHE A 154 3.19 -6.19 3.00
C PHE A 154 2.01 -5.55 2.29
N ASN A 155 1.37 -4.55 2.90
CA ASN A 155 0.24 -3.83 2.30
C ASN A 155 -0.83 -4.78 1.78
N LEU A 156 -1.23 -5.71 2.64
CA LEU A 156 -2.22 -6.73 2.28
C LEU A 156 -3.62 -6.20 2.54
N LYS A 157 -4.61 -6.99 2.11
CA LYS A 157 -6.02 -6.67 2.29
C LYS A 157 -6.63 -7.68 3.28
N ASP A 161 -3.42 -14.21 4.22
CA ASP A 161 -3.03 -15.58 3.94
C ASP A 161 -1.52 -15.63 4.05
N LEU A 162 -1.01 -16.63 4.78
CA LEU A 162 0.44 -16.80 4.89
C LEU A 162 1.08 -17.03 3.54
N TYR A 163 0.33 -17.59 2.59
CA TYR A 163 0.87 -17.79 1.26
C TYR A 163 0.95 -16.46 0.50
N GLN A 164 -0.03 -15.58 0.69
CA GLN A 164 0.01 -14.27 0.06
C GLN A 164 1.21 -13.47 0.56
N ALA A 165 1.39 -13.40 1.87
CA ALA A 165 2.51 -12.66 2.44
C ALA A 165 3.85 -13.20 1.95
N PHE A 166 4.00 -14.53 1.95
CA PHE A 166 5.23 -15.15 1.45
C PHE A 166 5.48 -14.77 -0.01
N LEU A 167 4.42 -14.72 -0.81
CA LEU A 167 4.57 -14.33 -2.21
C LEU A 167 5.00 -12.87 -2.34
N VAL A 168 4.43 -11.99 -1.50
CA VAL A 168 4.83 -10.58 -1.53
C VAL A 168 6.25 -10.43 -0.98
N ALA A 169 6.59 -11.20 0.07
CA ALA A 169 7.93 -11.10 0.65
C ALA A 169 9.00 -11.50 -0.36
N MET A 170 8.71 -12.50 -1.19
CA MET A 170 9.65 -12.87 -2.24
C MET A 170 9.80 -11.76 -3.27
N THR A 171 8.68 -11.13 -3.66
CA THR A 171 8.72 -10.12 -4.70
C THR A 171 9.51 -8.89 -4.25
N GLN A 172 9.37 -8.50 -2.98
CA GLN A 172 10.09 -7.33 -2.50
C GLN A 172 11.58 -7.58 -2.40
N GLN A 173 11.99 -8.85 -2.20
CA GLN A 173 13.40 -9.19 -2.13
C GLN A 173 14.03 -9.37 -3.50
N LEU A 174 13.24 -9.34 -4.57
CA LEU A 174 13.72 -9.55 -5.92
C LEU A 174 14.00 -8.21 -6.59
N LYS A 175 15.14 -8.13 -7.27
CA LYS A 175 15.46 -6.92 -8.03
C LYS A 175 14.53 -6.78 -9.22
N SER A 176 14.39 -5.53 -9.69
CA SER A 176 13.63 -5.29 -10.91
C SER A 176 14.29 -6.00 -12.09
N ASN A 177 13.45 -6.54 -12.97
CA ASN A 177 13.86 -7.39 -14.08
C ASN A 177 14.50 -8.69 -13.62
N GLY A 178 14.38 -9.03 -12.33
CA GLY A 178 14.82 -10.33 -11.87
C GLY A 178 13.83 -11.43 -12.23
N ILE A 179 14.35 -12.66 -12.27
CA ILE A 179 13.57 -13.83 -12.65
C ILE A 179 13.17 -14.58 -11.39
N ILE A 180 11.92 -15.06 -11.38
CA ILE A 180 11.43 -15.92 -10.31
C ILE A 180 10.94 -17.22 -10.92
N GLY A 181 11.25 -18.33 -10.25
CA GLY A 181 10.72 -19.63 -10.61
C GLY A 181 10.20 -20.23 -9.32
N VAL A 182 8.90 -20.48 -9.24
CA VAL A 182 8.25 -20.85 -7.99
C VAL A 182 7.36 -22.05 -8.29
N ILE A 183 7.53 -23.12 -7.51
CA ILE A 183 6.69 -24.30 -7.63
C ILE A 183 5.51 -24.13 -6.69
N THR A 184 4.30 -24.22 -7.24
CA THR A 184 3.08 -24.13 -6.47
C THR A 184 2.15 -25.25 -6.93
N SER A 185 1.04 -25.42 -6.22
CA SER A 185 -0.03 -26.23 -6.77
C SER A 185 -0.69 -25.45 -7.91
N ASN A 186 -1.33 -26.18 -8.81
CA ASN A 186 -1.93 -25.55 -9.98
C ASN A 186 -3.33 -25.02 -9.72
N ARG A 187 -3.81 -25.08 -8.46
CA ARG A 187 -5.18 -24.68 -8.17
C ARG A 187 -5.40 -23.19 -8.38
N TYR A 188 -4.37 -22.36 -8.15
CA TYR A 188 -4.55 -20.91 -8.30
C TYR A 188 -4.79 -20.52 -9.76
N LEU A 189 -4.51 -21.40 -10.71
CA LEU A 189 -4.67 -21.07 -12.12
C LEU A 189 -6.13 -20.96 -12.52
N THR A 190 -7.02 -21.76 -11.92
CA THR A 190 -8.38 -21.87 -12.39
C THR A 190 -9.45 -21.49 -11.37
N THR A 191 -9.17 -21.63 -10.08
CA THR A 191 -10.21 -21.48 -9.05
C THR A 191 -10.40 -20.01 -8.67
N LYS A 192 -11.58 -19.72 -8.10
CA LYS A 192 -11.83 -18.41 -7.53
C LYS A 192 -10.93 -18.12 -6.33
N GLY A 193 -10.45 -19.16 -5.64
CA GLY A 193 -9.53 -18.95 -4.54
C GLY A 193 -8.20 -18.37 -4.97
N GLY A 194 -7.81 -18.60 -6.22
CA GLY A 194 -6.56 -18.09 -6.75
C GLY A 194 -6.65 -16.73 -7.40
N GLU A 195 -7.78 -16.03 -7.25
CA GLU A 195 -7.94 -14.74 -7.92
C GLU A 195 -6.91 -13.72 -7.43
N SER A 196 -6.75 -13.62 -6.11
CA SER A 196 -5.78 -12.67 -5.57
C SER A 196 -4.35 -13.06 -5.91
N THR A 197 -4.05 -14.36 -5.99
CA THR A 197 -2.73 -14.79 -6.42
C THR A 197 -2.49 -14.40 -7.89
N ARG A 198 -3.47 -14.66 -8.75
CA ARG A 198 -3.36 -14.26 -10.15
C ARG A 198 -3.20 -12.75 -10.28
N LYS A 199 -3.98 -11.98 -9.52
CA LYS A 199 -3.87 -10.52 -9.58
C LYS A 199 -2.48 -10.06 -9.19
N PHE A 200 -1.95 -10.58 -8.07
CA PHE A 200 -0.63 -10.17 -7.61
C PHE A 200 0.45 -10.51 -8.63
N LEU A 201 0.40 -11.72 -9.19
CA LEU A 201 1.45 -12.17 -10.09
C LEU A 201 1.48 -11.32 -11.36
N VAL A 202 0.31 -11.11 -11.97
CA VAL A 202 0.27 -10.36 -13.23
C VAL A 202 0.52 -8.87 -12.99
N SER A 203 0.30 -8.38 -11.77
CA SER A 203 0.58 -6.97 -11.45
C SER A 203 2.06 -6.71 -11.25
N ASN A 204 2.80 -7.69 -10.73
CA ASN A 204 4.19 -7.48 -10.34
C ASN A 204 5.19 -8.15 -11.28
N PHE A 205 4.76 -9.03 -12.16
CA PHE A 205 5.67 -9.78 -12.99
C PHE A 205 5.21 -9.74 -14.44
N ASN A 206 6.18 -9.70 -15.35
CA ASN A 206 5.95 -10.07 -16.75
C ASN A 206 5.99 -11.59 -16.80
N ILE A 207 4.82 -12.21 -16.95
CA ILE A 207 4.73 -13.66 -16.92
C ILE A 207 5.50 -14.22 -18.12
N LEU A 208 6.49 -15.06 -17.84
CA LEU A 208 7.30 -15.63 -18.91
C LEU A 208 6.76 -16.98 -19.36
N GLU A 209 6.51 -17.87 -18.41
CA GLU A 209 6.00 -19.19 -18.74
C GLU A 209 5.30 -19.77 -17.53
N ILE A 210 4.21 -20.48 -17.78
CA ILE A 210 3.51 -21.26 -16.77
C ILE A 210 3.56 -22.71 -17.22
N MET A 211 4.07 -23.58 -16.36
CA MET A 211 4.10 -25.01 -16.61
C MET A 211 3.06 -25.66 -15.72
N ASP A 212 2.07 -26.29 -16.33
CA ASP A 212 1.07 -27.05 -15.61
C ASP A 212 1.50 -28.52 -15.71
N LEU A 213 2.10 -29.04 -14.65
CA LEU A 213 2.57 -30.42 -14.65
C LEU A 213 1.45 -31.44 -14.51
N GLY A 214 0.27 -31.01 -14.05
CA GLY A 214 -0.89 -31.88 -14.08
C GLY A 214 -0.76 -33.09 -13.17
N ASP A 215 -1.19 -34.24 -13.68
CA ASP A 215 -1.22 -35.47 -12.92
C ASP A 215 0.09 -36.24 -12.99
N SER A 216 1.14 -35.65 -13.55
CA SER A 216 2.45 -36.27 -13.55
CA SER A 216 2.45 -36.27 -13.55
C SER A 216 2.96 -36.36 -12.11
N LYS A 217 3.43 -37.54 -11.72
CA LYS A 217 3.86 -37.78 -10.34
C LYS A 217 5.35 -37.48 -10.23
N PHE A 218 5.66 -36.17 -10.16
CA PHE A 218 7.03 -35.74 -9.98
C PHE A 218 7.43 -35.75 -8.51
N PHE A 219 6.63 -35.12 -7.65
CA PHE A 219 6.89 -35.13 -6.23
C PHE A 219 6.23 -36.33 -5.56
N VAL A 223 0.78 -33.64 -4.78
CA VAL A 223 -0.05 -32.51 -5.22
C VAL A 223 0.12 -32.31 -6.72
N LEU A 224 -0.81 -31.57 -7.31
CA LEU A 224 -0.78 -31.24 -8.73
C LEU A 224 0.00 -29.95 -8.90
N PRO A 225 1.27 -30.01 -9.30
CA PRO A 225 2.11 -28.81 -9.27
C PRO A 225 2.07 -27.98 -10.54
N ALA A 226 2.26 -26.69 -10.34
CA ALA A 226 2.46 -25.73 -11.41
C ALA A 226 3.70 -24.93 -11.12
N ILE A 227 4.44 -24.58 -12.16
CA ILE A 227 5.66 -23.78 -12.03
C ILE A 227 5.41 -22.44 -12.71
N PHE A 228 5.71 -21.37 -11.99
CA PHE A 228 5.49 -20.01 -12.47
C PHE A 228 6.86 -19.38 -12.72
N PHE A 229 7.06 -18.88 -13.94
CA PHE A 229 8.25 -18.13 -14.31
C PHE A 229 7.83 -16.70 -14.61
N GLY A 230 8.42 -15.74 -13.92
CA GLY A 230 8.06 -14.36 -14.10
C GLY A 230 9.28 -13.46 -14.00
N GLU A 231 9.26 -12.39 -14.79
CA GLU A 231 10.25 -11.32 -14.72
C GLU A 231 9.63 -10.17 -13.95
N LYS A 232 10.27 -9.76 -12.86
CA LYS A 232 9.71 -8.71 -12.02
C LYS A 232 9.61 -7.40 -12.80
N LYS A 233 8.43 -6.77 -12.72
CA LYS A 233 8.20 -5.54 -13.44
C LYS A 233 9.09 -4.42 -12.90
N ASN A 234 9.60 -3.60 -13.81
CA ASN A 234 10.32 -2.38 -13.47
C ASN A 234 9.34 -1.21 -13.52
N ASN A 243 5.15 -9.21 -24.09
CA ASN A 243 5.40 -10.63 -23.83
C ASN A 243 4.08 -11.38 -23.71
N VAL A 244 3.69 -12.06 -24.79
CA VAL A 244 2.62 -13.05 -24.66
C VAL A 244 3.23 -14.23 -23.93
N PRO A 245 2.76 -14.55 -22.73
CA PRO A 245 3.42 -15.60 -21.94
C PRO A 245 3.20 -16.99 -22.52
N LYS A 246 4.20 -17.85 -22.37
CA LYS A 246 4.09 -19.24 -22.87
C LYS A 246 3.32 -20.06 -21.84
N PHE A 247 2.60 -21.09 -22.29
CA PHE A 247 1.89 -21.99 -21.34
C PHE A 247 2.30 -23.43 -21.67
N PHE A 248 2.97 -24.11 -20.74
CA PHE A 248 3.30 -25.54 -20.94
C PHE A 248 2.27 -26.34 -20.16
N LYS A 249 1.85 -27.44 -20.75
CA LYS A 249 0.87 -28.32 -20.13
C LYS A 249 1.20 -29.76 -20.45
N ILE A 250 1.29 -30.59 -19.41
CA ILE A 250 1.55 -32.03 -19.60
C ILE A 250 0.63 -32.81 -18.66
N TYR A 251 -0.09 -33.75 -19.24
CA TYR A 251 -1.03 -34.57 -18.46
C TYR A 251 -1.00 -36.00 -18.98
N GLU A 252 -1.14 -36.97 -18.10
CA GLU A 252 -1.26 -38.36 -18.50
C GLU A 252 -2.53 -38.55 -19.32
N GLN A 253 -2.40 -39.17 -20.49
CA GLN A 253 -3.56 -39.52 -21.30
C GLN A 253 -3.76 -41.03 -21.22
N SER A 254 -4.94 -41.44 -20.76
CA SER A 254 -5.22 -42.87 -20.55
C SER A 254 -5.58 -43.65 -21.81
N ASP A 255 -6.59 -43.17 -22.53
CA ASP A 255 -7.05 -43.88 -23.72
C ASP A 255 -6.20 -43.41 -24.90
N SER A 261 -0.18 -40.41 -33.78
CA SER A 261 1.26 -40.63 -33.91
C SER A 261 1.93 -40.43 -32.56
N VAL A 262 1.75 -41.41 -31.67
CA VAL A 262 2.35 -41.36 -30.34
C VAL A 262 3.86 -41.42 -30.48
N ASN A 263 4.54 -40.33 -30.13
CA ASN A 263 5.98 -40.23 -30.23
C ASN A 263 6.62 -40.92 -29.03
N SER A 264 7.21 -42.09 -29.26
CA SER A 264 7.87 -42.86 -28.21
C SER A 264 9.40 -42.69 -28.24
N GLU A 265 9.88 -41.56 -28.75
CA GLU A 265 11.32 -41.35 -28.90
C GLU A 265 12.02 -41.12 -27.57
N PHE A 266 11.35 -40.47 -26.62
CA PHE A 266 12.00 -40.04 -25.39
C PHE A 266 11.98 -41.15 -24.35
N ASN A 267 13.07 -41.23 -23.56
CA ASN A 267 13.28 -42.31 -22.61
C ASN A 267 13.01 -41.93 -21.16
N SER A 268 12.73 -40.66 -20.87
CA SER A 268 12.49 -40.24 -19.51
C SER A 268 11.39 -39.19 -19.48
N LEU A 269 10.68 -39.14 -18.35
CA LEU A 269 9.63 -38.15 -18.17
C LEU A 269 10.19 -36.73 -18.11
N ILE A 270 11.42 -36.58 -17.62
CA ILE A 270 12.03 -35.27 -17.49
C ILE A 270 12.29 -34.66 -18.86
N GLU A 271 12.77 -35.46 -19.81
CA GLU A 271 13.03 -34.96 -21.16
C GLU A 271 11.78 -34.40 -21.83
N LEU A 272 10.59 -34.82 -21.38
CA LEU A 272 9.37 -34.31 -21.97
C LEU A 272 9.14 -32.84 -21.64
N LEU A 273 9.71 -32.35 -20.53
CA LEU A 273 9.48 -30.98 -20.11
C LEU A 273 10.22 -29.96 -20.95
N GLU A 274 11.09 -30.39 -21.88
CA GLU A 274 11.79 -29.48 -22.77
C GLU A 274 11.38 -29.66 -24.22
N VAL A 275 10.34 -30.43 -24.49
CA VAL A 275 9.85 -30.59 -25.85
C VAL A 275 9.23 -29.28 -26.33
N ASN A 276 9.53 -28.91 -27.57
CA ASN A 276 9.04 -27.67 -28.16
C ASN A 276 7.89 -27.90 -29.15
N LYS A 277 7.29 -29.08 -29.14
CA LYS A 277 6.19 -29.40 -30.04
C LYS A 277 5.12 -30.16 -29.29
N SER A 278 3.86 -29.82 -29.55
CA SER A 278 2.77 -30.48 -28.86
C SER A 278 2.48 -31.84 -29.49
N GLY A 279 1.85 -32.70 -28.69
CA GLY A 279 1.44 -34.01 -29.17
C GLY A 279 1.45 -35.01 -28.03
N LEU A 280 1.31 -36.27 -28.39
CA LEU A 280 1.31 -37.39 -27.44
C LEU A 280 2.70 -38.02 -27.39
N TYR A 281 3.18 -38.27 -26.18
CA TYR A 281 4.49 -38.85 -25.94
C TYR A 281 4.39 -39.96 -24.91
N SER A 282 5.12 -41.04 -25.15
CA SER A 282 5.19 -42.18 -24.24
C SER A 282 6.64 -42.38 -23.81
N VAL A 283 6.83 -42.70 -22.53
CA VAL A 283 8.13 -43.09 -22.01
C VAL A 283 8.12 -44.46 -21.36
N GLU A 284 6.93 -45.02 -21.11
CA GLU A 284 6.79 -46.33 -20.48
C GLU A 284 5.40 -46.82 -20.86
N ASP A 285 4.69 -47.47 -19.95
CA ASP A 285 3.30 -47.84 -20.25
C ASP A 285 2.41 -46.62 -20.33
N LYS A 286 2.84 -45.50 -19.76
CA LYS A 286 2.03 -44.29 -19.71
C LYS A 286 2.32 -43.41 -20.92
N THR A 287 1.26 -42.82 -21.48
CA THR A 287 1.36 -41.87 -22.57
C THR A 287 0.94 -40.49 -22.07
N TYR A 288 1.75 -39.49 -22.37
CA TYR A 288 1.53 -38.14 -21.88
C TYR A 288 1.11 -37.21 -23.02
N SER A 289 0.13 -36.37 -22.74
CA SER A 289 -0.33 -35.35 -23.67
C SER A 289 0.35 -34.04 -23.30
N ILE A 290 1.14 -33.50 -24.22
CA ILE A 290 1.87 -32.25 -24.01
C ILE A 290 1.28 -31.18 -24.92
N SER A 291 0.96 -30.02 -24.35
CA SER A 291 0.42 -28.89 -25.08
C SER A 291 1.28 -27.67 -24.83
N LEU A 292 1.87 -27.14 -25.90
CA LEU A 292 2.60 -25.88 -25.85
C LEU A 292 1.70 -24.80 -26.44
N GLY A 293 1.42 -23.77 -25.66
CA GLY A 293 0.59 -22.70 -26.16
C GLY A 293 0.90 -21.37 -25.50
N LYS A 294 -0.09 -20.47 -25.53
CA LYS A 294 0.03 -19.15 -24.93
C LYS A 294 -1.05 -18.99 -23.89
N ILE A 295 -0.84 -17.98 -23.02
CA ILE A 295 -1.87 -17.57 -22.05
C ILE A 295 -2.25 -16.15 -22.49
N ILE A 296 -3.49 -15.96 -22.94
CA ILE A 296 -3.89 -14.69 -23.53
C ILE A 296 -4.56 -13.83 -22.47
N SER A 297 -4.09 -12.60 -22.35
CA SER A 297 -4.65 -11.61 -21.43
C SER A 297 -4.69 -12.12 -19.98
N PRO A 298 -3.54 -12.41 -19.37
CA PRO A 298 -3.55 -12.79 -17.96
C PRO A 298 -3.98 -11.66 -17.03
N GLU A 299 -3.89 -10.40 -17.48
CA GLU A 299 -4.35 -9.28 -16.66
C GLU A 299 -5.82 -9.39 -16.30
N ASN A 300 -6.60 -10.15 -17.07
CA ASN A 300 -7.99 -10.45 -16.72
C ASN A 300 -8.00 -11.57 -15.67
N TYR A 301 -7.54 -11.21 -14.47
CA TYR A 301 -7.26 -12.18 -13.41
C TYR A 301 -8.51 -12.78 -12.79
N LYS A 302 -9.69 -12.19 -13.01
CA LYS A 302 -10.90 -12.79 -12.45
C LYS A 302 -11.28 -14.07 -13.19
N GLU A 303 -10.79 -14.26 -14.37
CA GLU A 303 -11.05 -15.48 -15.10
C GLU A 303 -9.86 -16.43 -14.98
N PRO A 304 -10.10 -17.73 -15.11
CA PRO A 304 -8.99 -18.69 -15.02
C PRO A 304 -7.92 -18.42 -16.06
N TRP A 305 -6.72 -18.88 -15.72
CA TRP A 305 -5.58 -18.78 -16.64
C TRP A 305 -5.50 -20.13 -17.33
N ILE A 306 -5.97 -20.23 -18.56
CA ILE A 306 -6.01 -21.47 -19.31
C ILE A 306 -5.11 -21.35 -20.52
N LEU A 307 -4.65 -22.51 -21.00
CA LEU A 307 -3.80 -22.55 -22.17
C LEU A 307 -4.61 -22.25 -23.43
N ALA A 308 -4.06 -21.39 -24.28
CA ALA A 308 -4.54 -21.21 -25.64
C ALA A 308 -3.60 -21.95 -26.58
N THR A 309 -4.16 -22.76 -27.47
CA THR A 309 -3.32 -23.44 -28.44
C THR A 309 -2.71 -22.43 -29.42
N GLU A 310 -1.66 -22.87 -30.11
CA GLU A 310 -1.02 -22.03 -31.10
C GLU A 310 -2.02 -21.59 -32.18
N ASP A 311 -2.91 -22.50 -32.58
CA ASP A 311 -3.91 -22.15 -33.59
C ASP A 311 -4.90 -21.13 -33.05
N GLU A 312 -5.38 -21.33 -31.81
CA GLU A 312 -6.30 -20.36 -31.22
C GLU A 312 -5.66 -18.98 -31.12
N TYR A 313 -4.41 -18.92 -30.68
CA TYR A 313 -3.74 -17.62 -30.57
C TYR A 313 -3.53 -16.98 -31.93
N GLU A 314 -3.13 -17.77 -32.93
CA GLU A 314 -2.94 -17.24 -34.28
C GLU A 314 -4.25 -16.72 -34.84
N TRP A 315 -5.33 -17.49 -34.68
CA TRP A 315 -6.64 -17.05 -35.12
C TRP A 315 -7.08 -15.80 -34.37
N PHE A 316 -6.81 -15.74 -33.07
CA PHE A 316 -7.12 -14.57 -32.27
C PHE A 316 -6.38 -13.35 -32.77
N MET A 317 -5.09 -13.49 -33.06
CA MET A 317 -4.31 -12.36 -33.56
C MET A 317 -4.77 -11.93 -34.95
N LYS A 318 -5.13 -12.89 -35.80
CA LYS A 318 -5.57 -12.56 -37.15
C LYS A 318 -6.88 -11.78 -37.13
N VAL A 319 -7.82 -12.19 -36.28
CA VAL A 319 -9.07 -11.43 -36.13
C VAL A 319 -8.77 -10.01 -35.67
N ASN A 320 -7.82 -9.86 -34.74
CA ASN A 320 -7.51 -8.53 -34.22
C ASN A 320 -6.89 -7.64 -35.30
N GLN A 321 -6.00 -8.19 -36.12
CA GLN A 321 -5.34 -7.37 -37.12
C GLN A 321 -6.24 -7.09 -38.32
N ASN A 322 -7.20 -7.97 -38.61
CA ASN A 322 -8.16 -7.74 -39.67
C ASN A 322 -9.40 -7.00 -39.20
N ALA A 323 -9.50 -6.71 -37.90
CA ALA A 323 -10.63 -5.96 -37.39
C ALA A 323 -10.58 -4.51 -37.87
N TYR A 324 -11.75 -3.98 -38.19
CA TYR A 324 -11.84 -2.55 -38.50
C TYR A 324 -11.89 -1.72 -37.22
N GLY A 325 -12.54 -2.25 -36.19
CA GLY A 325 -12.61 -1.58 -34.92
C GLY A 325 -13.25 -2.47 -33.89
N PHE A 326 -13.74 -1.85 -32.83
CA PHE A 326 -14.36 -2.59 -31.75
C PHE A 326 -15.67 -1.93 -31.37
N ILE A 327 -16.49 -2.68 -30.62
CA ILE A 327 -17.83 -2.20 -30.29
C ILE A 327 -17.77 -0.83 -29.63
N GLU A 328 -16.78 -0.62 -28.75
CA GLU A 328 -16.66 0.65 -28.06
C GLU A 328 -16.37 1.81 -29.00
N ASP A 329 -15.80 1.55 -30.17
CA ASP A 329 -15.59 2.62 -31.15
C ASP A 329 -16.89 3.09 -31.77
N PHE A 330 -17.95 2.28 -31.73
CA PHE A 330 -19.19 2.60 -32.40
C PHE A 330 -20.37 2.82 -31.48
N ALA A 331 -20.29 2.37 -30.22
CA ALA A 331 -21.50 2.27 -29.42
C ALA A 331 -21.16 2.37 -27.95
N HIS A 332 -22.19 2.68 -27.16
CA HIS A 332 -22.11 2.67 -25.71
C HIS A 332 -22.70 1.37 -25.21
N VAL A 333 -21.96 0.66 -24.37
CA VAL A 333 -22.46 -0.53 -23.71
C VAL A 333 -22.82 -0.14 -22.28
N LYS A 334 -24.09 -0.25 -21.94
CA LYS A 334 -24.61 0.30 -20.70
C LYS A 334 -25.25 -0.82 -19.89
N VAL A 335 -25.38 -0.56 -18.59
CA VAL A 335 -25.98 -1.51 -17.68
C VAL A 335 -27.41 -1.09 -17.40
N GLY A 336 -28.24 -2.06 -17.01
CA GLY A 336 -29.61 -1.80 -16.65
C GLY A 336 -29.73 -1.10 -15.30
N ILE A 337 -30.97 -0.94 -14.87
CA ILE A 337 -31.28 -0.19 -13.67
C ILE A 337 -31.21 -1.10 -12.44
N LYS A 338 -31.02 -0.49 -11.28
CA LYS A 338 -31.18 -1.15 -9.98
C LYS A 338 -32.18 -0.36 -9.15
N THR A 339 -33.37 -0.93 -8.95
CA THR A 339 -34.39 -0.24 -8.16
C THR A 339 -34.14 -0.37 -6.66
N THR A 340 -33.56 -1.50 -6.23
CA THR A 340 -33.28 -1.86 -4.83
C THR A 340 -34.54 -2.36 -4.12
N ALA A 341 -35.73 -2.02 -4.62
CA ALA A 341 -36.98 -2.61 -4.14
C ALA A 341 -37.63 -3.01 -5.48
N ASP A 342 -37.46 -4.27 -5.83
CA ASP A 342 -38.00 -4.75 -7.13
C ASP A 342 -39.46 -5.09 -6.90
N SER A 343 -39.76 -5.72 -5.77
CA SER A 343 -41.14 -6.12 -5.52
C SER A 343 -42.08 -4.92 -5.45
N VAL A 344 -41.56 -3.73 -5.13
CA VAL A 344 -42.37 -2.51 -5.15
C VAL A 344 -42.43 -1.90 -6.54
N PHE A 345 -41.29 -1.84 -7.25
CA PHE A 345 -41.19 -1.07 -8.48
C PHE A 345 -41.50 -1.86 -9.74
N ILE A 346 -41.21 -3.17 -9.75
CA ILE A 346 -41.37 -4.00 -10.94
C ILE A 346 -42.48 -5.00 -10.66
N ARG A 347 -43.57 -4.91 -11.43
CA ARG A 347 -44.73 -5.76 -11.27
C ARG A 347 -45.33 -6.04 -12.64
N SER A 348 -46.17 -7.07 -12.71
CA SER A 348 -46.96 -7.34 -13.89
C SER A 348 -48.45 -7.38 -13.59
N ASP A 349 -48.86 -6.90 -12.42
CA ASP A 349 -50.25 -6.90 -12.00
C ASP A 349 -50.75 -5.50 -11.65
N TRP A 350 -50.14 -4.48 -12.26
CA TRP A 350 -50.50 -3.09 -11.95
C TRP A 350 -51.99 -2.83 -12.13
N GLY A 351 -52.60 -3.47 -13.14
CA GLY A 351 -54.02 -3.27 -13.38
C GLY A 351 -54.93 -3.91 -12.35
N GLU A 352 -54.41 -4.80 -11.52
CA GLU A 352 -55.19 -5.49 -10.51
C GLU A 352 -55.13 -4.80 -9.14
N LEU A 353 -54.33 -3.74 -9.02
CA LEU A 353 -54.30 -2.94 -7.82
C LEU A 353 -55.61 -2.17 -7.67
N PRO A 354 -55.92 -1.70 -6.47
CA PRO A 354 -57.02 -0.74 -6.32
C PRO A 354 -56.82 0.47 -7.22
N GLU A 355 -57.93 0.95 -7.80
CA GLU A 355 -57.84 1.99 -8.82
C GLU A 355 -57.10 3.23 -8.30
N GLU A 356 -57.28 3.56 -7.02
CA GLU A 356 -56.61 4.74 -6.49
C GLU A 356 -55.11 4.54 -6.34
N GLN A 357 -54.61 3.32 -6.55
CA GLN A 357 -53.18 3.03 -6.42
C GLN A 357 -52.53 2.64 -7.74
N ILE A 358 -53.29 2.51 -8.82
CA ILE A 358 -52.72 2.18 -10.12
C ILE A 358 -51.95 3.40 -10.63
N PRO A 359 -50.63 3.32 -10.77
CA PRO A 359 -49.86 4.50 -11.16
C PRO A 359 -50.26 5.01 -12.54
N GLU A 360 -50.09 6.31 -12.73
CA GLU A 360 -50.42 6.95 -14.00
C GLU A 360 -49.63 6.29 -15.13
N ASP A 361 -50.24 6.26 -16.32
CA ASP A 361 -49.72 5.47 -17.42
C ASP A 361 -48.29 5.87 -17.79
N LYS A 362 -48.02 7.18 -17.79
CA LYS A 362 -46.70 7.69 -18.18
C LYS A 362 -45.59 7.11 -17.32
N LEU A 363 -45.88 6.74 -16.08
CA LEU A 363 -44.84 6.26 -15.18
C LEU A 363 -44.58 4.78 -15.31
N LEU A 364 -45.48 4.03 -15.93
CA LEU A 364 -45.34 2.58 -16.04
C LEU A 364 -44.61 2.28 -17.36
N ARG A 365 -43.32 2.00 -17.26
CA ARG A 365 -42.61 1.68 -18.49
C ARG A 365 -42.32 0.19 -18.58
N PRO A 366 -42.37 -0.37 -19.78
CA PRO A 366 -42.00 -1.79 -19.94
C PRO A 366 -40.55 -2.00 -19.51
N ILE A 367 -40.30 -3.14 -18.87
CA ILE A 367 -38.97 -3.46 -18.40
C ILE A 367 -38.65 -4.90 -18.80
N ILE A 368 -37.43 -5.11 -19.29
CA ILE A 368 -36.98 -6.39 -19.82
C ILE A 368 -35.88 -6.93 -18.91
N SER A 369 -36.00 -8.19 -18.51
CA SER A 369 -35.03 -8.86 -17.67
C SER A 369 -34.38 -10.01 -18.45
N ALA A 370 -33.34 -10.58 -17.85
CA ALA A 370 -32.53 -11.58 -18.53
C ALA A 370 -33.35 -12.81 -18.91
N ASP A 371 -34.32 -13.19 -18.07
CA ASP A 371 -35.10 -14.39 -18.35
C ASP A 371 -35.90 -14.27 -19.64
N GLN A 372 -36.17 -13.04 -20.10
CA GLN A 372 -36.88 -12.84 -21.34
C GLN A 372 -35.96 -12.80 -22.55
N ALA A 373 -34.65 -12.94 -22.35
CA ALA A 373 -33.69 -12.76 -23.43
C ALA A 373 -33.86 -13.85 -24.49
N ASN A 374 -33.77 -13.42 -25.75
CA ASN A 374 -33.85 -14.31 -26.90
C ASN A 374 -33.00 -13.71 -28.01
N LYS A 375 -32.65 -14.53 -28.98
CA LYS A 375 -31.86 -14.03 -30.10
C LYS A 375 -32.70 -13.13 -30.99
N TRP A 376 -32.08 -12.02 -31.43
CA TRP A 376 -32.60 -11.15 -32.49
C TRP A 376 -33.74 -10.25 -32.03
N SER A 377 -34.82 -10.84 -31.52
CA SER A 377 -35.93 -10.04 -31.05
C SER A 377 -36.73 -10.83 -30.03
N VAL A 378 -37.47 -10.10 -29.19
CA VAL A 378 -38.39 -10.71 -28.24
C VAL A 378 -39.77 -10.12 -28.45
N SER A 379 -40.78 -10.94 -28.23
CA SER A 379 -42.17 -10.52 -28.35
C SER A 379 -42.60 -9.91 -27.01
N LEU A 380 -42.98 -8.63 -27.04
CA LEU A 380 -43.45 -7.96 -25.83
C LEU A 380 -44.95 -7.93 -25.70
N VAL A 381 -45.70 -8.28 -26.75
CA VAL A 381 -47.14 -8.36 -26.64
C VAL A 381 -47.51 -9.50 -25.69
N GLY A 382 -48.54 -9.28 -24.88
CA GLY A 382 -48.92 -10.21 -23.85
C GLY A 382 -48.10 -10.14 -22.58
N ASN A 383 -47.08 -9.28 -22.54
CA ASN A 383 -46.22 -9.14 -21.36
C ASN A 383 -46.57 -7.84 -20.65
N ASN A 384 -46.98 -7.94 -19.39
CA ASN A 384 -47.38 -6.79 -18.59
C ASN A 384 -46.34 -6.40 -17.55
N LYS A 385 -45.13 -6.93 -17.64
CA LYS A 385 -44.07 -6.57 -16.69
C LYS A 385 -43.67 -5.13 -16.94
N LYS A 386 -43.98 -4.25 -15.99
CA LYS A 386 -43.66 -2.84 -16.10
C LYS A 386 -43.03 -2.35 -14.80
N VAL A 387 -42.14 -1.38 -14.94
CA VAL A 387 -41.50 -0.74 -13.81
C VAL A 387 -42.16 0.62 -13.59
N LEU A 388 -42.40 0.96 -12.31
CA LEU A 388 -42.87 2.32 -11.94
C LEU A 388 -41.61 3.17 -11.99
N TYR A 389 -41.43 3.91 -13.08
CA TYR A 389 -40.21 4.67 -13.30
C TYR A 389 -40.34 6.04 -12.64
N THR A 390 -39.43 6.32 -11.71
CA THR A 390 -39.54 7.44 -10.79
C THR A 390 -38.79 8.69 -11.24
N HIS A 391 -38.22 8.69 -12.44
CA HIS A 391 -37.41 9.81 -12.89
C HIS A 391 -37.87 10.29 -14.27
N GLU A 392 -37.49 11.53 -14.57
CA GLU A 392 -37.89 12.18 -15.80
C GLU A 392 -36.87 13.25 -16.14
N ILE A 393 -36.99 13.79 -17.34
CA ILE A 393 -36.23 14.97 -17.74
C ILE A 393 -37.13 16.16 -17.46
N ARG A 394 -36.77 16.95 -16.45
CA ARG A 394 -37.49 18.17 -16.09
C ARG A 394 -36.49 19.31 -16.12
N ASP A 395 -36.77 20.31 -16.97
CA ASP A 395 -35.90 21.47 -17.16
C ASP A 395 -34.50 21.03 -17.60
N GLY A 396 -34.45 20.12 -18.57
CA GLY A 396 -33.20 19.63 -19.10
C GLY A 396 -32.35 18.83 -18.14
N GLN A 397 -32.88 18.46 -16.98
CA GLN A 397 -32.13 17.75 -15.96
C GLN A 397 -32.85 16.47 -15.58
N ILE A 398 -32.06 15.46 -15.21
CA ILE A 398 -32.60 14.20 -14.70
C ILE A 398 -33.02 14.40 -13.25
N LYS A 399 -34.33 14.43 -13.01
CA LYS A 399 -34.86 14.65 -11.68
C LYS A 399 -35.87 13.57 -11.33
N ALA A 400 -36.08 13.38 -10.03
CA ALA A 400 -37.16 12.53 -9.58
C ALA A 400 -38.50 13.21 -9.86
N ILE A 401 -39.52 12.39 -10.09
CA ILE A 401 -40.84 12.94 -10.35
C ILE A 401 -41.37 13.62 -9.10
N ASN A 402 -42.19 14.64 -9.29
CA ASN A 402 -42.94 15.26 -8.20
C ASN A 402 -44.18 14.41 -7.95
N LEU A 403 -44.24 13.79 -6.77
CA LEU A 403 -45.36 12.89 -6.47
C LEU A 403 -46.70 13.60 -6.49
N GLU A 404 -46.73 14.90 -6.17
CA GLU A 404 -47.98 15.63 -6.19
C GLU A 404 -48.59 15.69 -7.57
N GLU A 405 -47.79 15.51 -8.63
CA GLU A 405 -48.32 15.50 -9.99
C GLU A 405 -48.91 14.14 -10.38
N PHE A 406 -48.62 13.08 -9.62
CA PHE A 406 -49.12 11.74 -9.92
C PHE A 406 -49.75 11.20 -8.65
N PRO A 407 -50.98 11.63 -8.33
CA PRO A 407 -51.58 11.24 -7.05
C PRO A 407 -51.81 9.74 -6.92
N ARG A 408 -52.09 9.05 -8.01
CA ARG A 408 -52.30 7.60 -7.91
C ARG A 408 -50.99 6.87 -7.63
N ALA A 409 -49.91 7.23 -8.33
CA ALA A 409 -48.60 6.69 -7.98
C ALA A 409 -48.20 7.09 -6.57
N LYS A 410 -48.61 8.29 -6.14
CA LYS A 410 -48.36 8.73 -4.77
C LYS A 410 -49.04 7.80 -3.77
N ASN A 411 -50.31 7.43 -4.03
CA ASN A 411 -51.01 6.51 -3.15
C ASN A 411 -50.32 5.15 -3.11
N TYR A 412 -49.90 4.65 -4.26
CA TYR A 412 -49.21 3.37 -4.29
C TYR A 412 -47.91 3.42 -3.52
N LEU A 413 -47.08 4.43 -3.79
CA LEU A 413 -45.76 4.48 -3.17
C LEU A 413 -45.85 4.72 -1.68
N GLU A 414 -46.81 5.55 -1.25
CA GLU A 414 -46.94 5.80 0.19
C GLU A 414 -47.40 4.57 0.95
N SER A 415 -48.15 3.68 0.29
CA SER A 415 -48.49 2.41 0.92
C SER A 415 -47.28 1.50 1.10
N HIS A 416 -46.16 1.82 0.45
CA HIS A 416 -44.91 1.09 0.64
C HIS A 416 -43.83 1.98 1.24
N LYS A 417 -44.21 3.10 1.86
CA LYS A 417 -43.24 4.08 2.32
C LYS A 417 -42.29 3.50 3.37
N GLU A 418 -42.77 2.58 4.20
CA GLU A 418 -41.91 2.04 5.26
C GLU A 418 -40.71 1.30 4.67
N ARG A 419 -40.95 0.42 3.69
CA ARG A 419 -39.82 -0.28 3.07
C ARG A 419 -38.95 0.68 2.28
N LEU A 420 -39.57 1.61 1.53
CA LEU A 420 -38.79 2.49 0.66
C LEU A 420 -37.98 3.49 1.48
N ALA A 421 -38.56 4.04 2.54
CA ALA A 421 -37.85 5.01 3.37
C ALA A 421 -36.82 4.36 4.27
N SER A 422 -36.92 3.05 4.51
CA SER A 422 -35.94 2.34 5.31
C SER A 422 -34.64 2.06 4.55
N ARG A 423 -34.51 2.58 3.33
CA ARG A 423 -33.26 2.47 2.57
C ARG A 423 -32.38 3.64 2.99
N LYS A 424 -31.40 3.37 3.85
CA LYS A 424 -30.58 4.43 4.43
C LYS A 424 -29.76 5.14 3.36
N TYR A 425 -29.20 4.38 2.41
CA TYR A 425 -28.34 4.98 1.39
C TYR A 425 -29.10 5.96 0.51
N VAL A 426 -30.41 5.77 0.34
CA VAL A 426 -31.20 6.71 -0.43
C VAL A 426 -31.36 8.02 0.32
N LEU A 427 -31.75 7.95 1.60
CA LEU A 427 -31.91 9.17 2.40
C LEU A 427 -30.57 9.84 2.67
N LYS A 428 -29.51 9.07 2.85
CA LYS A 428 -28.20 9.66 3.12
C LYS A 428 -27.64 10.38 1.90
N ALA A 429 -28.09 10.02 0.69
CA ALA A 429 -27.66 10.68 -0.53
C ALA A 429 -28.51 11.89 -0.88
N ASN A 430 -29.31 12.38 0.07
CA ASN A 430 -30.19 13.53 -0.14
C ASN A 430 -31.15 13.31 -1.30
N ARG A 431 -31.63 12.07 -1.43
CA ARG A 431 -32.57 11.71 -2.47
C ARG A 431 -33.89 11.29 -1.84
N ASN A 432 -34.95 11.37 -2.64
CA ASN A 432 -36.29 11.12 -2.13
C ASN A 432 -36.49 9.65 -1.80
N TRP A 433 -37.32 9.39 -0.78
CA TRP A 433 -37.51 8.04 -0.28
C TRP A 433 -38.10 7.10 -1.32
N TYR A 434 -38.83 7.65 -2.29
CA TYR A 434 -39.57 6.85 -3.26
C TYR A 434 -38.77 6.55 -4.53
N GLU A 435 -37.50 6.92 -4.58
CA GLU A 435 -36.76 6.87 -5.83
C GLU A 435 -36.26 5.48 -6.15
N ILE A 436 -36.26 5.14 -7.44
CA ILE A 436 -35.43 4.06 -7.93
C ILE A 436 -33.98 4.42 -7.67
N TRP A 437 -33.22 3.48 -7.10
CA TRP A 437 -31.87 3.80 -6.66
C TRP A 437 -30.99 4.20 -7.84
N VAL A 438 -30.92 3.37 -8.87
CA VAL A 438 -30.14 3.68 -10.06
C VAL A 438 -31.09 3.72 -11.27
N PRO A 439 -31.61 4.90 -11.63
CA PRO A 439 -32.52 4.98 -12.77
C PRO A 439 -31.89 5.33 -14.11
N HIS A 440 -30.59 5.53 -14.17
CA HIS A 440 -29.86 5.94 -15.39
C HIS A 440 -30.45 7.20 -16.04
N ASP A 441 -30.70 7.19 -17.35
CA ASP A 441 -31.07 8.37 -18.10
C ASP A 441 -32.47 8.11 -18.66
N PRO A 442 -33.48 8.87 -18.23
CA PRO A 442 -34.83 8.62 -18.73
C PRO A 442 -34.99 8.81 -20.23
N SER A 443 -34.18 9.69 -20.83
CA SER A 443 -34.36 10.02 -22.25
C SER A 443 -33.75 8.97 -23.17
N LEU A 444 -32.89 8.08 -22.66
CA LEU A 444 -32.21 7.12 -23.52
C LEU A 444 -32.99 5.84 -23.74
N TRP A 445 -34.00 5.55 -22.90
CA TRP A 445 -34.74 4.30 -23.06
C TRP A 445 -35.53 4.24 -24.36
N ASP A 446 -35.91 5.40 -24.92
CA ASP A 446 -36.74 5.40 -26.12
C ASP A 446 -35.94 5.04 -27.36
N LYS A 447 -34.61 5.12 -27.30
CA LYS A 447 -33.81 4.83 -28.47
C LYS A 447 -33.81 3.32 -28.77
N PRO A 448 -33.74 2.95 -30.04
CA PRO A 448 -33.51 1.54 -30.37
C PRO A 448 -32.21 1.05 -29.75
N LYS A 449 -32.23 -0.19 -29.27
CA LYS A 449 -31.12 -0.69 -28.49
C LYS A 449 -30.96 -2.19 -28.71
N ILE A 450 -29.75 -2.67 -28.47
CA ILE A 450 -29.51 -4.10 -28.31
C ILE A 450 -29.54 -4.39 -26.83
N ILE A 451 -30.15 -5.51 -26.46
CA ILE A 451 -30.17 -5.96 -25.08
C ILE A 451 -29.57 -7.36 -25.03
N PHE A 452 -28.83 -7.66 -23.97
CA PHE A 452 -28.32 -9.01 -23.78
C PHE A 452 -28.20 -9.29 -22.30
N PRO A 453 -28.32 -10.56 -21.90
CA PRO A 453 -28.16 -10.90 -20.48
C PRO A 453 -26.70 -10.93 -20.06
N ASP A 454 -26.48 -10.70 -18.77
CA ASP A 454 -25.12 -10.71 -18.25
C ASP A 454 -24.48 -12.09 -18.33
N THR A 455 -25.28 -13.15 -18.17
CA THR A 455 -24.78 -14.51 -18.20
C THR A 455 -25.72 -15.35 -19.05
N SER A 456 -25.14 -16.21 -19.89
CA SER A 456 -25.96 -17.00 -20.80
C SER A 456 -25.12 -18.14 -21.35
N PRO A 457 -25.67 -19.35 -21.47
CA PRO A 457 -24.90 -20.43 -22.11
C PRO A 457 -24.70 -20.21 -23.60
N GLU A 458 -25.55 -19.43 -24.26
CA GLU A 458 -25.41 -19.06 -25.65
C GLU A 458 -25.69 -17.57 -25.80
N PRO A 459 -25.12 -16.93 -26.81
CA PRO A 459 -25.42 -15.50 -27.02
C PRO A 459 -26.89 -15.25 -27.30
N LYS A 460 -27.47 -14.32 -26.55
CA LYS A 460 -28.87 -13.92 -26.70
C LYS A 460 -28.77 -12.40 -26.75
N PHE A 461 -28.49 -11.87 -27.93
CA PHE A 461 -28.46 -10.44 -28.16
C PHE A 461 -29.69 -10.19 -29.02
N PHE A 462 -30.52 -9.22 -28.63
CA PHE A 462 -31.72 -8.92 -29.38
C PHE A 462 -31.92 -7.41 -29.50
N TYR A 463 -32.70 -7.04 -30.51
CA TYR A 463 -33.00 -5.66 -30.84
C TYR A 463 -34.33 -5.27 -30.19
N GLU A 464 -34.39 -4.04 -29.68
CA GLU A 464 -35.57 -3.56 -28.98
C GLU A 464 -35.80 -2.10 -29.36
N ASP A 465 -37.01 -1.77 -29.78
CA ASP A 465 -37.30 -0.39 -30.18
C ASP A 465 -38.65 0.09 -29.65
N LYS A 466 -39.14 -0.49 -28.55
CA LYS A 466 -40.40 -0.08 -27.94
C LYS A 466 -40.20 0.81 -26.71
N GLY A 467 -39.01 1.42 -26.57
CA GLY A 467 -38.78 2.28 -25.42
C GLY A 467 -38.69 1.54 -24.11
N SER A 468 -38.29 0.28 -24.12
CA SER A 468 -38.29 -0.51 -22.90
C SER A 468 -37.12 -0.14 -22.00
N VAL A 469 -37.36 -0.19 -20.70
CA VAL A 469 -36.31 -0.04 -19.71
C VAL A 469 -35.62 -1.39 -19.54
N VAL A 470 -34.33 -1.37 -19.26
CA VAL A 470 -33.52 -2.57 -19.14
C VAL A 470 -33.22 -2.81 -17.67
N ASP A 471 -33.51 -4.03 -17.20
CA ASP A 471 -33.29 -4.39 -15.81
C ASP A 471 -31.81 -4.65 -15.56
N GLY A 472 -31.47 -4.86 -14.28
CA GLY A 472 -30.09 -4.90 -13.83
C GLY A 472 -29.30 -6.11 -14.27
N ASN A 473 -29.96 -7.23 -14.56
CA ASN A 473 -29.27 -8.42 -15.02
C ASN A 473 -29.10 -8.43 -16.54
N CYS A 474 -29.27 -7.29 -17.18
CA CYS A 474 -29.03 -7.13 -18.61
C CYS A 474 -28.14 -5.93 -18.85
N TYR A 475 -27.44 -5.98 -19.98
CA TYR A 475 -26.76 -4.81 -20.52
C TYR A 475 -27.46 -4.40 -21.80
N TRP A 476 -27.14 -3.21 -22.28
CA TRP A 476 -27.75 -2.75 -23.52
C TRP A 476 -26.78 -1.87 -24.28
N ILE A 477 -26.97 -1.81 -25.59
CA ILE A 477 -26.06 -1.15 -26.52
C ILE A 477 -26.83 -0.13 -27.33
N ILE A 478 -26.36 1.12 -27.32
CA ILE A 478 -26.88 2.15 -28.21
C ILE A 478 -25.69 2.74 -28.95
N PRO A 479 -25.87 3.22 -30.18
CA PRO A 479 -24.70 3.69 -30.95
C PRO A 479 -24.20 5.03 -30.46
N LYS A 480 -22.88 5.20 -30.52
CA LYS A 480 -22.29 6.51 -30.33
C LYS A 480 -22.80 7.41 -31.44
N LYS A 481 -23.17 8.65 -31.09
CA LYS A 481 -23.63 9.58 -32.11
C LYS A 481 -22.65 9.63 -33.28
N GLU A 482 -23.20 9.81 -34.49
CA GLU A 482 -22.51 9.84 -35.78
C GLU A 482 -22.56 8.48 -36.45
N ASN A 483 -23.00 7.44 -35.73
CA ASN A 483 -23.19 6.12 -36.30
C ASN A 483 -24.69 5.89 -36.49
N SER A 484 -25.03 5.30 -37.62
CA SER A 484 -26.44 5.06 -37.95
C SER A 484 -27.02 4.00 -37.01
N ASN A 485 -28.34 3.89 -37.07
CA ASN A 485 -29.00 2.78 -36.38
C ASN A 485 -28.62 1.45 -36.99
N ASP A 486 -28.16 1.45 -38.25
CA ASP A 486 -27.74 0.23 -38.92
C ASP A 486 -26.57 -0.45 -38.21
N ILE A 487 -25.76 0.32 -37.50
CA ILE A 487 -24.59 -0.28 -36.84
C ILE A 487 -25.03 -1.26 -35.76
N LEU A 488 -26.23 -1.05 -35.19
CA LEU A 488 -26.72 -1.98 -34.17
C LEU A 488 -26.99 -3.35 -34.77
N PHE A 489 -27.49 -3.40 -36.01
CA PHE A 489 -27.77 -4.68 -36.63
C PHE A 489 -26.47 -5.42 -36.95
N LEU A 490 -25.43 -4.68 -37.35
CA LEU A 490 -24.13 -5.29 -37.58
C LEU A 490 -23.56 -5.84 -36.28
N ILE A 491 -23.57 -5.03 -35.23
CA ILE A 491 -23.04 -5.46 -33.94
C ILE A 491 -23.78 -6.71 -33.45
N MET A 492 -25.10 -6.73 -33.61
CA MET A 492 -25.89 -7.88 -33.13
C MET A 492 -25.52 -9.12 -33.93
N GLY A 493 -25.39 -8.96 -35.25
CA GLY A 493 -25.00 -10.11 -36.05
C GLY A 493 -23.66 -10.69 -35.63
N ILE A 494 -22.72 -9.83 -35.25
CA ILE A 494 -21.44 -10.29 -34.75
C ILE A 494 -21.60 -10.96 -33.39
N CYS A 495 -22.30 -10.30 -32.47
CA CYS A 495 -22.38 -10.77 -31.09
C CYS A 495 -23.03 -12.14 -30.98
N ASN A 496 -24.02 -12.42 -31.82
CA ASN A 496 -24.77 -13.67 -31.72
C ASN A 496 -24.09 -14.84 -32.43
N SER A 497 -22.93 -14.64 -33.02
CA SER A 497 -22.36 -15.61 -33.93
C SER A 497 -21.50 -16.63 -33.20
N LYS A 498 -21.34 -17.79 -33.82
CA LYS A 498 -20.34 -18.75 -33.34
C LYS A 498 -18.94 -18.17 -33.45
N PHE A 499 -18.70 -17.37 -34.48
CA PHE A 499 -17.43 -16.67 -34.64
C PHE A 499 -17.04 -15.91 -33.37
N MET A 500 -17.95 -15.08 -32.87
CA MET A 500 -17.64 -14.26 -31.70
C MET A 500 -17.73 -15.07 -30.42
N SER A 501 -18.53 -16.13 -30.40
CA SER A 501 -18.50 -17.05 -29.26
C SER A 501 -17.13 -17.70 -29.14
N LYS A 502 -16.54 -18.10 -30.28
CA LYS A 502 -15.18 -18.64 -30.25
C LYS A 502 -14.19 -17.58 -29.82
N TYR A 503 -14.29 -16.38 -30.40
CA TYR A 503 -13.41 -15.29 -30.00
C TYR A 503 -13.53 -15.00 -28.50
N HIS A 504 -14.77 -14.96 -28.00
CA HIS A 504 -15.00 -14.73 -26.57
C HIS A 504 -14.33 -15.80 -25.73
N ASP A 505 -14.44 -17.07 -26.12
CA ASP A 505 -13.85 -18.15 -25.36
C ASP A 505 -12.33 -17.99 -25.27
N ILE A 506 -11.71 -17.56 -26.35
CA ILE A 506 -10.26 -17.43 -26.37
C ILE A 506 -9.80 -16.17 -25.65
N ALA A 507 -10.48 -15.05 -25.89
CA ALA A 507 -9.97 -13.76 -25.45
C ALA A 507 -10.31 -13.54 -23.97
N PHE A 508 -11.54 -13.82 -23.56
CA PHE A 508 -11.99 -13.40 -22.23
C PHE A 508 -12.19 -14.53 -21.23
N GLN A 509 -13.04 -15.49 -21.54
CA GLN A 509 -13.26 -16.63 -20.65
C GLN A 509 -13.96 -17.71 -21.47
N ASN A 510 -13.63 -18.95 -21.18
CA ASN A 510 -14.13 -20.08 -21.96
C ASN A 510 -15.43 -20.58 -21.32
N LYS A 511 -16.43 -20.82 -22.16
CA LYS A 511 -17.69 -21.40 -21.68
C LYS A 511 -17.47 -22.76 -21.03
N LEU A 512 -16.46 -23.52 -21.45
CA LEU A 512 -16.28 -24.88 -20.97
C LEU A 512 -16.04 -24.96 -19.48
N TYR A 513 -15.57 -23.88 -18.84
CA TYR A 513 -15.26 -23.94 -17.42
C TYR A 513 -16.53 -24.10 -16.58
N ALA A 514 -17.51 -23.22 -16.77
CA ALA A 514 -18.73 -23.23 -15.98
C ALA A 514 -19.99 -23.53 -16.80
N GLY A 515 -19.87 -23.70 -18.11
CA GLY A 515 -21.02 -23.95 -18.94
C GLY A 515 -21.79 -22.71 -19.36
N ARG A 516 -21.31 -21.53 -19.01
CA ARG A 516 -21.95 -20.28 -19.39
C ARG A 516 -20.87 -19.25 -19.74
N ARG A 517 -21.29 -18.21 -20.45
CA ARG A 517 -20.42 -17.09 -20.78
C ARG A 517 -20.89 -15.85 -20.02
N ARG A 518 -19.94 -15.09 -19.50
CA ARG A 518 -20.21 -13.82 -18.84
C ARG A 518 -19.97 -12.65 -19.79
N TYR A 519 -21.04 -11.96 -20.16
CA TYR A 519 -20.94 -10.84 -21.09
C TYR A 519 -20.74 -9.54 -20.31
N LEU A 520 -19.54 -9.41 -19.74
CA LEU A 520 -19.16 -8.20 -19.05
C LEU A 520 -18.94 -7.10 -20.09
N THR A 521 -19.16 -5.86 -19.66
CA THR A 521 -18.97 -4.73 -20.57
C THR A 521 -17.50 -4.64 -20.98
N GLN A 522 -16.58 -5.05 -20.10
CA GLN A 522 -15.18 -5.08 -20.45
C GLN A 522 -14.91 -6.04 -21.60
N TYR A 523 -15.71 -7.09 -21.74
CA TYR A 523 -15.53 -8.02 -22.84
C TYR A 523 -16.21 -7.53 -24.10
N VAL A 524 -17.49 -7.18 -23.98
CA VAL A 524 -18.28 -6.82 -25.17
C VAL A 524 -17.71 -5.56 -25.83
N ASN A 525 -17.24 -4.60 -25.03
CA ASN A 525 -16.61 -3.40 -25.59
C ASN A 525 -15.45 -3.75 -26.51
N LYS A 526 -14.78 -4.87 -26.26
CA LYS A 526 -13.61 -5.28 -27.04
C LYS A 526 -13.96 -6.35 -28.08
N TYR A 527 -15.23 -6.52 -28.41
CA TYR A 527 -15.59 -7.37 -29.53
C TYR A 527 -15.15 -6.71 -30.83
N PRO A 528 -14.38 -7.40 -31.67
CA PRO A 528 -13.98 -6.82 -32.95
C PRO A 528 -15.16 -6.68 -33.89
N ILE A 529 -15.12 -5.62 -34.69
CA ILE A 529 -16.17 -5.30 -35.64
C ILE A 529 -15.54 -5.15 -37.03
N PRO A 530 -16.13 -5.72 -38.07
CA PRO A 530 -15.59 -5.51 -39.42
C PRO A 530 -15.99 -4.14 -39.98
N ASP A 531 -15.43 -3.87 -41.16
CA ASP A 531 -15.67 -2.58 -41.86
C ASP A 531 -17.17 -2.44 -42.16
N PRO A 532 -17.91 -1.51 -41.52
CA PRO A 532 -19.36 -1.42 -41.79
C PRO A 532 -19.70 -1.11 -43.24
N GLU A 533 -18.78 -0.52 -44.00
CA GLU A 533 -19.04 -0.21 -45.40
C GLU A 533 -18.76 -1.38 -46.33
N SER A 534 -18.13 -2.44 -45.81
CA SER A 534 -17.87 -3.64 -46.60
C SER A 534 -19.18 -4.21 -47.13
N ILE A 535 -19.11 -4.80 -48.33
CA ILE A 535 -20.30 -5.41 -48.91
C ILE A 535 -20.77 -6.56 -48.04
N TYR A 536 -19.85 -7.21 -47.31
CA TYR A 536 -20.24 -8.28 -46.42
C TYR A 536 -20.94 -7.76 -45.18
N SER A 537 -20.45 -6.65 -44.62
CA SER A 537 -21.14 -6.03 -43.49
C SER A 537 -22.51 -5.54 -43.91
N LYS A 538 -22.64 -5.01 -45.13
CA LYS A 538 -23.93 -4.55 -45.61
C LYS A 538 -24.92 -5.71 -45.72
N GLU A 539 -24.45 -6.87 -46.18
CA GLU A 539 -25.34 -8.02 -46.27
C GLU A 539 -25.70 -8.55 -44.89
N ILE A 540 -24.74 -8.55 -43.95
CA ILE A 540 -25.06 -8.93 -42.58
C ILE A 540 -26.18 -8.03 -42.04
N ILE A 541 -26.01 -6.73 -42.22
CA ILE A 541 -27.02 -5.77 -41.76
C ILE A 541 -28.37 -6.09 -42.37
N SER A 542 -28.39 -6.39 -43.67
CA SER A 542 -29.64 -6.66 -44.36
C SER A 542 -30.29 -7.96 -43.84
N LEU A 543 -29.47 -8.98 -43.58
CA LEU A 543 -30.00 -10.23 -43.06
C LEU A 543 -30.48 -10.07 -41.62
N VAL A 544 -29.74 -9.32 -40.80
CA VAL A 544 -30.16 -9.14 -39.40
C VAL A 544 -31.45 -8.34 -39.34
N ARG A 545 -31.54 -7.27 -40.14
CA ARG A 545 -32.79 -6.52 -40.23
C ARG A 545 -33.95 -7.43 -40.59
N GLU A 546 -33.71 -8.46 -41.40
CA GLU A 546 -34.75 -9.41 -41.76
C GLU A 546 -35.15 -10.26 -40.56
N LEU A 547 -34.17 -10.72 -39.78
CA LEU A 547 -34.47 -11.56 -38.61
C LEU A 547 -35.24 -10.78 -37.55
N VAL A 548 -35.05 -9.46 -37.49
CA VAL A 548 -35.69 -8.66 -36.46
C VAL A 548 -37.14 -8.34 -36.83
N ASN A 549 -37.39 -8.01 -38.10
CA ASN A 549 -38.66 -7.45 -38.53
C ASN A 549 -39.62 -8.49 -39.10
N ASN A 550 -39.20 -9.74 -39.24
CA ASN A 550 -40.01 -10.75 -39.93
C ASN A 550 -40.04 -12.04 -39.11
N LYS A 551 -41.24 -12.44 -38.70
CA LYS A 551 -41.40 -13.72 -38.02
C LYS A 551 -41.17 -14.85 -39.02
N LYS A 552 -40.22 -15.72 -38.70
CA LYS A 552 -39.81 -16.78 -39.61
C LYS A 552 -39.78 -18.12 -38.87
N GLU A 553 -39.82 -19.19 -39.66
CA GLU A 553 -39.69 -20.53 -39.09
C GLU A 553 -38.24 -20.79 -38.70
N THR A 554 -38.06 -21.79 -37.83
CA THR A 554 -36.72 -22.10 -37.35
C THR A 554 -35.79 -22.56 -38.46
N GLN A 555 -36.34 -23.18 -39.51
CA GLN A 555 -35.49 -23.73 -40.57
C GLN A 555 -34.76 -22.62 -41.33
N ASP A 556 -35.46 -21.54 -41.68
CA ASP A 556 -34.81 -20.46 -42.42
C ASP A 556 -34.17 -19.42 -41.50
N ILE A 557 -34.52 -19.38 -40.22
CA ILE A 557 -33.73 -18.59 -39.29
C ILE A 557 -32.32 -19.18 -39.19
N ASN A 558 -32.23 -20.50 -39.08
CA ASN A 558 -30.92 -21.16 -39.08
C ASN A 558 -30.19 -20.90 -40.39
N GLU A 559 -30.92 -20.88 -41.51
CA GLU A 559 -30.30 -20.59 -42.79
C GLU A 559 -29.72 -19.18 -42.82
N ILE A 560 -30.50 -18.18 -42.39
CA ILE A 560 -29.99 -16.82 -42.31
C ILE A 560 -28.79 -16.77 -41.38
N GLU A 561 -28.88 -17.47 -40.24
CA GLU A 561 -27.74 -17.48 -39.31
C GLU A 561 -26.52 -18.13 -39.93
N ASN A 562 -26.72 -19.16 -40.77
CA ASN A 562 -25.61 -19.75 -41.48
C ASN A 562 -24.96 -18.76 -42.44
N ARG A 563 -25.79 -17.98 -43.14
CA ARG A 563 -25.26 -16.98 -44.05
C ARG A 563 -24.45 -15.93 -43.30
N ILE A 564 -24.92 -15.53 -42.12
CA ILE A 564 -24.20 -14.54 -41.34
C ILE A 564 -22.84 -15.08 -40.91
N GLU A 565 -22.79 -16.35 -40.50
CA GLU A 565 -21.52 -16.97 -40.12
C GLU A 565 -20.50 -16.87 -41.25
N LYS A 566 -20.92 -17.25 -42.47
CA LYS A 566 -20.00 -17.19 -43.60
C LYS A 566 -19.67 -15.76 -43.98
N LEU A 567 -20.63 -14.84 -43.82
CA LEU A 567 -20.35 -13.44 -44.14
C LEU A 567 -19.33 -12.84 -43.17
N ILE A 568 -19.40 -13.22 -41.89
CA ILE A 568 -18.44 -12.72 -40.92
C ILE A 568 -17.04 -13.19 -41.28
N LEU A 569 -16.91 -14.46 -41.69
CA LEU A 569 -15.61 -14.95 -42.15
C LEU A 569 -15.07 -14.11 -43.29
N ARG A 570 -15.93 -13.77 -44.26
CA ARG A 570 -15.47 -12.95 -45.38
C ARG A 570 -15.18 -11.52 -44.95
N ALA A 571 -15.95 -10.99 -43.98
CA ALA A 571 -15.73 -9.62 -43.53
C ALA A 571 -14.44 -9.48 -42.75
N PHE A 572 -14.00 -10.54 -42.08
CA PHE A 572 -12.72 -10.53 -41.37
C PHE A 572 -11.60 -11.14 -42.18
N ASP A 573 -11.90 -11.63 -43.39
CA ASP A 573 -10.92 -12.27 -44.26
C ASP A 573 -10.17 -13.39 -43.53
N ILE A 574 -10.98 -14.29 -42.95
CA ILE A 574 -10.47 -15.46 -42.19
C ILE A 574 -11.17 -16.67 -42.83
N GLU A 575 -10.50 -17.81 -43.01
CA GLU A 575 -11.06 -18.91 -43.79
C GLU A 575 -12.08 -19.73 -43.01
N SER A 576 -11.71 -20.13 -41.80
CA SER A 576 -12.61 -21.00 -41.01
C SER A 576 -12.39 -20.70 -39.54
N LEU A 577 -13.21 -21.28 -38.68
CA LEU A 577 -12.96 -21.10 -37.23
C LEU A 577 -11.99 -22.19 -36.79
N LYS A 578 -12.46 -23.43 -36.70
CA LYS A 578 -11.66 -24.50 -36.10
C LYS A 578 -11.01 -25.26 -37.25
N PHE B 20 -10.48 11.18 42.37
CA PHE B 20 -9.22 11.91 42.39
C PHE B 20 -9.10 12.83 41.17
N THR B 21 -10.21 13.44 40.78
CA THR B 21 -10.27 14.38 39.67
C THR B 21 -11.33 15.40 40.02
N PRO B 22 -11.02 16.70 39.96
CA PRO B 22 -12.04 17.70 40.24
C PRO B 22 -13.21 17.60 39.26
N ASP B 23 -14.40 17.92 39.75
CA ASP B 23 -15.61 17.73 38.95
C ASP B 23 -15.59 18.60 37.70
N LYS B 24 -15.04 19.80 37.79
CA LYS B 24 -15.09 20.73 36.66
C LYS B 24 -14.07 20.38 35.59
N LEU B 25 -12.87 19.91 35.99
CA LEU B 25 -11.94 19.42 34.98
C LEU B 25 -12.46 18.16 34.31
N ALA B 26 -13.15 17.30 35.07
CA ALA B 26 -13.71 16.10 34.48
C ALA B 26 -14.77 16.43 33.43
N GLU B 27 -15.46 17.56 33.58
CA GLU B 27 -16.49 17.92 32.61
C GLU B 27 -15.86 18.43 31.30
N VAL B 28 -14.76 19.17 31.39
CA VAL B 28 -14.11 19.65 30.17
C VAL B 28 -13.51 18.48 29.40
N ILE B 29 -12.99 17.47 30.11
CA ILE B 29 -12.53 16.26 29.44
C ILE B 29 -13.71 15.53 28.81
N ALA B 30 -14.81 15.43 29.54
CA ALA B 30 -16.00 14.76 29.02
C ALA B 30 -16.56 15.49 27.81
N LYS B 31 -16.62 16.83 27.87
CA LYS B 31 -17.16 17.61 26.77
C LYS B 31 -16.32 17.45 25.51
N ARG B 32 -14.99 17.43 25.66
CA ARG B 32 -14.13 17.23 24.51
C ARG B 32 -14.30 15.84 23.93
N ILE B 33 -14.43 14.82 24.79
CA ILE B 33 -14.57 13.45 24.31
C ILE B 33 -15.82 13.30 23.45
N LEU B 34 -16.96 13.78 23.95
CA LEU B 34 -18.21 13.62 23.22
C LEU B 34 -18.23 14.45 21.93
N ASP B 35 -17.56 15.60 21.93
CA ASP B 35 -17.44 16.37 20.69
C ASP B 35 -16.54 15.67 19.68
N TYR B 36 -15.54 14.93 20.17
CA TYR B 36 -14.65 14.19 19.30
C TYR B 36 -15.25 12.88 18.80
N PHE B 37 -16.28 12.36 19.48
CA PHE B 37 -16.85 11.06 19.13
C PHE B 37 -17.61 11.17 17.81
N LYS B 38 -17.09 10.49 16.77
CA LYS B 38 -17.69 10.52 15.45
C LYS B 38 -18.70 9.41 15.23
N GLY B 39 -18.99 8.61 16.25
CA GLY B 39 -19.93 7.52 16.12
C GLY B 39 -21.38 7.97 16.09
N GLU B 40 -22.26 6.99 15.90
CA GLU B 40 -23.69 7.25 15.84
C GLU B 40 -24.18 7.68 17.22
N LYS B 41 -24.92 8.79 17.29
CA LYS B 41 -25.31 9.38 18.57
C LYS B 41 -26.67 8.93 19.08
N ASN B 42 -27.41 8.13 18.32
CA ASN B 42 -28.78 7.76 18.70
C ASN B 42 -28.87 6.33 19.21
N ARG B 43 -27.75 5.77 19.65
CA ARG B 43 -27.70 4.44 20.25
C ARG B 43 -26.98 4.56 21.59
N VAL B 44 -26.88 3.44 22.30
CA VAL B 44 -26.23 3.42 23.60
C VAL B 44 -24.72 3.41 23.40
N ILE B 45 -24.04 4.40 23.96
CA ILE B 45 -22.59 4.51 23.86
C ILE B 45 -21.99 3.94 25.14
N ARG B 46 -21.07 2.99 24.99
CA ARG B 46 -20.44 2.32 26.12
C ARG B 46 -19.21 3.10 26.56
N VAL B 47 -19.17 3.49 27.84
CA VAL B 47 -18.11 4.30 28.40
C VAL B 47 -17.42 3.51 29.50
N LEU B 48 -16.11 3.37 29.42
CA LEU B 48 -15.32 2.63 30.39
C LEU B 48 -14.38 3.56 31.13
N ASP B 49 -14.40 3.49 32.46
CA ASP B 49 -13.37 4.07 33.30
C ASP B 49 -12.63 2.93 33.99
N PRO B 50 -11.41 2.59 33.56
CA PRO B 50 -10.73 1.42 34.12
C PRO B 50 -10.32 1.60 35.57
N ALA B 51 -10.19 2.84 36.05
CA ALA B 51 -9.90 3.16 37.44
C ALA B 51 -10.85 4.31 37.80
N CYS B 52 -12.07 3.96 38.19
CA CYS B 52 -13.15 4.94 38.32
C CYS B 52 -13.07 5.62 39.67
N GLY B 53 -12.59 4.94 40.70
CA GLY B 53 -12.55 5.55 42.02
C GLY B 53 -13.95 5.81 42.53
N ASP B 54 -14.24 7.08 42.80
CA ASP B 54 -15.57 7.49 43.25
C ASP B 54 -16.52 7.78 42.09
N GLY B 55 -16.09 7.59 40.86
CA GLY B 55 -16.95 7.80 39.71
C GLY B 55 -17.07 9.23 39.25
N GLU B 56 -16.05 10.05 39.51
CA GLU B 56 -16.09 11.45 39.08
C GLU B 56 -16.18 11.56 37.55
N LEU B 57 -15.33 10.79 36.85
CA LEU B 57 -15.31 10.89 35.40
C LEU B 57 -16.60 10.35 34.79
N LEU B 58 -17.11 9.25 35.32
CA LEU B 58 -18.35 8.69 34.79
C LEU B 58 -19.53 9.61 35.03
N LEU B 59 -19.60 10.22 36.22
CA LEU B 59 -20.67 11.19 36.48
C LEU B 59 -20.54 12.40 35.58
N ALA B 60 -19.30 12.84 35.34
CA ALA B 60 -19.10 14.03 34.50
C ALA B 60 -19.52 13.77 33.06
N ILE B 61 -19.07 12.65 32.50
CA ILE B 61 -19.39 12.37 31.10
C ILE B 61 -20.88 12.07 30.95
N ASN B 62 -21.51 11.53 31.99
CA ASN B 62 -22.96 11.32 31.94
C ASN B 62 -23.70 12.65 32.01
N LYS B 63 -23.19 13.60 32.79
CA LYS B 63 -23.81 14.91 32.88
C LYS B 63 -23.73 15.65 31.55
N VAL B 64 -22.59 15.57 30.87
CA VAL B 64 -22.45 16.21 29.57
C VAL B 64 -23.29 15.48 28.52
N ALA B 65 -23.36 14.14 28.62
CA ALA B 65 -24.16 13.38 27.66
C ALA B 65 -25.64 13.64 27.82
N GLN B 66 -26.10 13.84 29.06
CA GLN B 66 -27.50 14.20 29.28
C GLN B 66 -27.83 15.55 28.68
N SER B 67 -26.86 16.48 28.67
CA SER B 67 -27.06 17.78 28.04
C SER B 67 -27.28 17.65 26.54
N MET B 68 -26.82 16.57 25.92
CA MET B 68 -27.00 16.33 24.49
C MET B 68 -27.90 15.13 24.21
N ASN B 69 -28.69 14.71 25.21
CA ASN B 69 -29.61 13.57 25.12
C ASN B 69 -28.94 12.36 24.47
N ILE B 70 -27.75 12.03 24.95
CA ILE B 70 -27.01 10.86 24.52
C ILE B 70 -27.11 9.81 25.63
N GLN B 71 -27.45 8.58 25.24
CA GLN B 71 -27.61 7.49 26.20
C GLN B 71 -26.27 6.79 26.38
N LEU B 72 -25.80 6.70 27.62
CA LEU B 72 -24.52 6.08 27.94
C LEU B 72 -24.73 4.84 28.80
N GLU B 73 -23.89 3.85 28.57
CA GLU B 73 -23.68 2.74 29.50
C GLU B 73 -22.37 3.01 30.22
N LEU B 74 -22.46 3.34 31.50
CA LEU B 74 -21.29 3.70 32.30
C LEU B 74 -20.71 2.43 32.93
N ILE B 75 -19.46 2.13 32.60
CA ILE B 75 -18.74 0.99 33.16
C ILE B 75 -17.57 1.53 33.97
N GLY B 76 -17.55 1.22 35.27
CA GLY B 76 -16.46 1.62 36.12
C GLY B 76 -15.76 0.44 36.75
N VAL B 77 -14.44 0.40 36.66
CA VAL B 77 -13.63 -0.66 37.25
C VAL B 77 -12.68 -0.03 38.24
N ASP B 78 -12.57 -0.63 39.44
CA ASP B 78 -11.60 -0.17 40.41
C ASP B 78 -11.43 -1.25 41.48
N PHE B 79 -10.21 -1.34 41.99
CA PHE B 79 -9.93 -2.16 43.16
C PHE B 79 -10.36 -1.42 44.43
N ASP B 80 -10.48 -2.18 45.53
CA ASP B 80 -10.90 -1.65 46.82
C ASP B 80 -12.38 -1.29 46.87
N ILE B 81 -13.16 -2.11 47.59
CA ILE B 81 -14.60 -1.94 47.61
C ILE B 81 -15.05 -0.55 48.05
N ASP B 82 -14.25 0.13 48.88
CA ASP B 82 -14.66 1.42 49.41
C ASP B 82 -14.88 2.44 48.31
N ALA B 83 -14.04 2.43 47.28
CA ALA B 83 -14.24 3.34 46.15
C ALA B 83 -15.47 2.94 45.35
N ILE B 84 -15.66 1.64 45.13
CA ILE B 84 -16.81 1.17 44.35
C ILE B 84 -18.11 1.50 45.08
N ASN B 85 -18.14 1.31 46.40
CA ASN B 85 -19.35 1.60 47.16
C ASN B 85 -19.74 3.07 47.05
N ILE B 86 -18.76 3.97 47.15
CA ILE B 86 -19.04 5.39 46.96
C ILE B 86 -19.52 5.65 45.54
N ALA B 87 -18.88 5.00 44.56
CA ALA B 87 -19.28 5.19 43.17
C ALA B 87 -20.68 4.67 42.92
N ASN B 88 -21.08 3.60 43.61
CA ASN B 88 -22.40 3.02 43.37
C ASN B 88 -23.51 3.94 43.83
N GLU B 89 -23.37 4.52 45.03
CA GLU B 89 -24.43 5.37 45.55
C GLU B 89 -24.52 6.68 44.78
N ARG B 90 -23.39 7.21 44.30
CA ARG B 90 -23.43 8.46 43.56
C ARG B 90 -24.01 8.27 42.17
N LEU B 91 -23.70 7.14 41.52
CA LEU B 91 -24.28 6.87 40.22
C LEU B 91 -25.78 6.60 40.30
N SER B 92 -26.20 5.86 41.32
CA SER B 92 -27.62 5.55 41.47
C SER B 92 -28.42 6.77 41.92
N ARG B 93 -27.86 7.56 42.85
CA ARG B 93 -28.56 8.74 43.32
C ARG B 93 -28.75 9.76 42.20
N SER B 94 -27.85 9.77 41.22
CA SER B 94 -27.99 10.68 40.08
C SER B 94 -29.17 10.32 39.18
N GLY B 95 -29.82 9.19 39.41
CA GLY B 95 -30.92 8.74 38.58
C GLY B 95 -30.55 7.92 37.37
N HIS B 96 -29.25 7.83 37.04
CA HIS B 96 -28.82 6.99 35.93
C HIS B 96 -28.83 5.52 36.33
N LYS B 97 -29.52 4.69 35.55
CA LYS B 97 -29.68 3.28 35.88
C LYS B 97 -28.84 2.34 35.02
N ASN B 98 -28.27 2.81 33.91
CA ASN B 98 -27.50 1.95 33.03
C ASN B 98 -26.01 2.10 33.35
N PHE B 99 -25.62 1.54 34.49
CA PHE B 99 -24.23 1.54 34.90
C PHE B 99 -23.86 0.17 35.45
N ARG B 100 -22.56 -0.06 35.56
CA ARG B 100 -22.01 -1.34 35.97
C ARG B 100 -20.65 -1.11 36.59
N LEU B 101 -20.49 -1.48 37.85
CA LEU B 101 -19.24 -1.33 38.58
C LEU B 101 -18.64 -2.70 38.84
N ILE B 102 -17.33 -2.81 38.62
CA ILE B 102 -16.60 -4.07 38.76
C ILE B 102 -15.50 -3.84 39.78
N ASN B 103 -15.64 -4.48 40.95
CA ASN B 103 -14.65 -4.36 42.01
C ASN B 103 -13.52 -5.34 41.73
N LYS B 104 -12.56 -4.89 40.92
CA LYS B 104 -11.43 -5.72 40.52
C LYS B 104 -10.37 -4.79 39.94
N ASP B 105 -9.12 -5.27 39.94
CA ASP B 105 -8.05 -4.54 39.28
C ASP B 105 -8.16 -4.72 37.77
N PHE B 106 -8.11 -3.61 37.03
CA PHE B 106 -8.31 -3.66 35.59
C PHE B 106 -7.22 -4.46 34.90
N LEU B 107 -5.97 -4.29 35.35
CA LEU B 107 -4.87 -5.05 34.74
C LEU B 107 -5.01 -6.54 35.02
N GLU B 108 -5.32 -6.91 36.26
CA GLU B 108 -5.54 -8.31 36.58
C GLU B 108 -6.78 -8.86 35.91
N MET B 109 -7.80 -8.02 35.70
CA MET B 109 -9.04 -8.48 35.10
C MET B 109 -8.82 -8.98 33.68
N VAL B 110 -8.15 -8.17 32.84
CA VAL B 110 -7.91 -8.60 31.47
C VAL B 110 -7.01 -9.83 31.43
N SER B 111 -6.09 -9.94 32.38
CA SER B 111 -5.21 -11.11 32.45
C SER B 111 -5.74 -12.16 33.43
N GLU B 122 -16.19 -12.79 34.49
CA GLU B 122 -17.03 -11.86 33.75
C GLU B 122 -16.24 -11.16 32.64
N GLU B 123 -16.79 -11.20 31.43
CA GLU B 123 -16.14 -10.66 30.25
C GLU B 123 -16.67 -9.26 29.93
N LEU B 124 -15.80 -8.44 29.36
CA LEU B 124 -16.10 -7.04 29.08
C LEU B 124 -15.94 -6.81 27.57
N GLU B 125 -17.05 -6.48 26.91
CA GLU B 125 -17.02 -6.20 25.49
C GLU B 125 -16.26 -4.90 25.21
N PRO B 126 -15.73 -4.74 24.01
CA PRO B 126 -15.07 -3.48 23.67
C PRO B 126 -16.02 -2.30 23.81
N VAL B 127 -15.48 -1.16 24.24
CA VAL B 127 -16.28 0.00 24.55
C VAL B 127 -16.06 1.08 23.47
N ASP B 128 -16.93 2.08 23.49
CA ASP B 128 -16.83 3.20 22.56
C ASP B 128 -15.94 4.31 23.08
N ILE B 129 -15.92 4.53 24.39
CA ILE B 129 -15.24 5.66 25.00
C ILE B 129 -14.50 5.18 26.24
N ILE B 130 -13.26 5.63 26.40
CA ILE B 130 -12.53 5.45 27.65
C ILE B 130 -12.16 6.84 28.16
N ILE B 131 -12.68 7.18 29.34
CA ILE B 131 -12.28 8.38 30.05
C ILE B 131 -11.58 7.89 31.32
N ALA B 132 -10.30 8.23 31.45
CA ALA B 132 -9.47 7.56 32.45
C ALA B 132 -8.50 8.54 33.08
N ASN B 133 -8.20 8.30 34.35
CA ASN B 133 -7.12 8.95 35.07
C ASN B 133 -6.36 7.84 35.79
N PRO B 134 -5.49 7.12 35.08
CA PRO B 134 -4.87 5.94 35.66
C PRO B 134 -4.07 6.30 36.89
N PRO B 135 -3.92 5.38 37.83
CA PRO B 135 -3.25 5.70 39.09
C PRO B 135 -1.74 5.68 38.86
N TYR B 136 -1.12 6.86 38.94
CA TYR B 136 0.30 7.01 38.67
C TYR B 136 0.98 6.09 39.67
N VAL B 137 1.72 5.11 39.18
CA VAL B 137 2.43 4.15 40.02
C VAL B 137 3.89 4.28 39.62
N ARG B 138 4.78 4.18 40.62
CA ARG B 138 6.20 4.31 40.38
C ARG B 138 6.73 3.03 39.77
N THR B 139 7.73 3.17 38.89
CA THR B 139 8.35 2.00 38.30
C THR B 139 9.03 1.17 39.38
N GLN B 140 8.83 -0.14 39.29
CA GLN B 140 9.38 -1.09 40.26
C GLN B 140 9.78 -2.36 39.53
N ILE B 141 10.70 -3.10 40.15
CA ILE B 141 10.99 -4.45 39.66
C ILE B 141 9.77 -5.31 39.90
N LEU B 142 9.35 -6.03 38.86
CA LEU B 142 8.27 -6.99 38.96
C LEU B 142 8.85 -8.40 38.97
N GLY B 143 8.14 -9.32 39.62
CA GLY B 143 8.53 -10.71 39.54
C GLY B 143 8.50 -11.21 38.11
N ALA B 144 9.37 -12.19 37.82
CA ALA B 144 9.45 -12.72 36.47
C ALA B 144 8.13 -13.32 36.02
N GLU B 145 7.31 -13.78 36.97
CA GLU B 145 6.01 -14.34 36.62
C GLU B 145 5.06 -13.25 36.12
N LYS B 146 5.08 -12.07 36.74
CA LYS B 146 4.28 -10.96 36.25
C LYS B 146 4.94 -10.27 35.07
N ALA B 147 6.28 -10.19 35.09
CA ALA B 147 7.00 -9.55 34.00
C ALA B 147 6.79 -10.28 32.68
N GLN B 148 6.80 -11.61 32.71
CA GLN B 148 6.61 -12.38 31.48
C GLN B 148 5.14 -12.44 31.08
N LYS B 149 4.24 -12.58 32.06
CA LYS B 149 2.81 -12.63 31.76
C LYS B 149 2.33 -11.35 31.11
N LEU B 150 2.90 -10.21 31.49
CA LEU B 150 2.51 -8.94 30.87
C LEU B 150 3.23 -8.72 29.54
N ARG B 151 4.42 -9.28 29.36
CA ARG B 151 5.13 -9.14 28.10
C ARG B 151 4.37 -9.79 26.95
N GLU B 152 3.98 -11.05 27.13
CA GLU B 152 3.34 -11.78 26.04
C GLU B 152 1.92 -11.28 25.80
N LYS B 153 1.18 -10.96 26.86
CA LYS B 153 -0.22 -10.57 26.69
C LYS B 153 -0.36 -9.24 25.98
N PHE B 154 0.64 -8.35 26.08
CA PHE B 154 0.58 -7.05 25.43
C PHE B 154 1.73 -6.83 24.45
N ASN B 155 2.47 -7.89 24.12
CA ASN B 155 3.60 -7.83 23.19
C ASN B 155 4.56 -6.70 23.57
N LEU B 156 4.91 -6.66 24.85
CA LEU B 156 5.76 -5.60 25.40
C LEU B 156 7.22 -5.98 25.27
N LYS B 157 8.01 -5.08 24.66
CA LYS B 157 9.45 -5.24 24.54
C LYS B 157 10.12 -4.10 25.31
N GLY B 158 10.93 -4.46 26.30
CA GLY B 158 11.59 -3.49 27.15
C GLY B 158 11.30 -3.74 28.61
N ARG B 159 11.91 -2.91 29.45
CA ARG B 159 11.72 -2.98 30.89
C ARG B 159 10.20 -2.91 31.10
N VAL B 160 9.63 -3.93 31.72
CA VAL B 160 8.18 -4.07 31.85
C VAL B 160 7.72 -2.96 32.79
N ASP B 161 6.89 -2.06 32.27
CA ASP B 161 6.35 -0.94 33.02
C ASP B 161 4.87 -1.18 33.23
N LEU B 162 4.41 -1.08 34.48
CA LEU B 162 2.99 -1.25 34.78
C LEU B 162 2.15 -0.16 34.13
N TYR B 163 2.72 1.03 33.89
CA TYR B 163 1.96 2.10 33.26
C TYR B 163 1.75 1.85 31.78
N GLN B 164 2.75 1.29 31.10
CA GLN B 164 2.60 0.95 29.69
C GLN B 164 1.53 -0.10 29.49
N ALA B 165 1.59 -1.19 30.29
CA ALA B 165 0.61 -2.26 30.15
C ALA B 165 -0.81 -1.73 30.34
N PHE B 166 -1.01 -0.89 31.36
CA PHE B 166 -2.32 -0.29 31.57
C PHE B 166 -2.77 0.48 30.34
N LEU B 167 -1.84 1.19 29.70
CA LEU B 167 -2.17 1.93 28.48
C LEU B 167 -2.51 0.98 27.34
N VAL B 168 -1.78 -0.13 27.23
CA VAL B 168 -2.08 -1.11 26.19
C VAL B 168 -3.39 -1.83 26.49
N ALA B 169 -3.64 -2.13 27.77
CA ALA B 169 -4.87 -2.82 28.14
C ALA B 169 -6.10 -1.96 27.82
N MET B 170 -5.99 -0.64 28.02
CA MET B 170 -7.09 0.25 27.67
C MET B 170 -7.33 0.26 26.16
N THR B 171 -6.25 0.28 25.37
CA THR B 171 -6.40 0.34 23.92
C THR B 171 -7.06 -0.92 23.38
N GLN B 172 -6.73 -2.07 23.95
CA GLN B 172 -7.33 -3.32 23.50
C GLN B 172 -8.81 -3.40 23.84
N GLN B 173 -9.24 -2.71 24.89
CA GLN B 173 -10.64 -2.67 25.27
C GLN B 173 -11.45 -1.65 24.47
N LEU B 174 -10.80 -0.84 23.66
CA LEU B 174 -11.47 0.22 22.91
C LEU B 174 -11.79 -0.25 21.51
N LYS B 175 -13.01 0.03 21.06
CA LYS B 175 -13.39 -0.27 19.70
C LYS B 175 -12.63 0.61 18.72
N SER B 176 -12.52 0.13 17.48
CA SER B 176 -11.92 0.94 16.43
C SER B 176 -12.74 2.21 16.25
N ASN B 177 -12.03 3.31 16.01
CA ASN B 177 -12.60 4.66 15.95
C ASN B 177 -13.21 5.10 17.28
N GLY B 178 -12.93 4.38 18.36
CA GLY B 178 -13.33 4.84 19.67
C GLY B 178 -12.45 5.97 20.16
N ILE B 179 -13.00 6.75 21.08
CA ILE B 179 -12.32 7.92 21.64
C ILE B 179 -11.77 7.57 23.01
N ILE B 180 -10.57 8.04 23.30
CA ILE B 180 -9.98 7.92 24.63
C ILE B 180 -9.54 9.30 25.13
N GLY B 181 -9.93 9.61 26.36
CA GLY B 181 -9.45 10.80 27.04
C GLY B 181 -8.81 10.29 28.31
N VAL B 182 -7.51 10.51 28.45
CA VAL B 182 -6.74 9.94 29.54
C VAL B 182 -5.87 11.04 30.14
N ILE B 183 -5.92 11.17 31.46
CA ILE B 183 -5.07 12.12 32.18
C ILE B 183 -3.78 11.39 32.57
N THR B 184 -2.66 11.95 32.16
CA THR B 184 -1.33 11.43 32.49
C THR B 184 -0.46 12.60 32.92
N SER B 185 0.73 12.29 33.43
CA SER B 185 1.71 13.35 33.58
C SER B 185 2.24 13.75 32.21
N ASN B 186 2.75 14.97 32.12
CA ASN B 186 3.22 15.51 30.84
C ASN B 186 4.66 15.15 30.55
N ARG B 187 5.30 14.33 31.39
CA ARG B 187 6.72 14.04 31.21
C ARG B 187 6.99 13.23 29.94
N TYR B 188 6.04 12.38 29.54
CA TYR B 188 6.26 11.57 28.34
C TYR B 188 6.30 12.41 27.08
N LEU B 189 5.86 13.67 27.13
CA LEU B 189 5.83 14.48 25.91
C LEU B 189 7.22 14.84 25.42
N THR B 190 8.17 15.06 26.32
CA THR B 190 9.46 15.62 25.95
C THR B 190 10.64 14.73 26.23
N THR B 191 10.56 13.83 27.21
CA THR B 191 11.72 13.07 27.64
C THR B 191 11.90 11.81 26.78
N LYS B 192 13.13 11.30 26.77
CA LYS B 192 13.39 10.02 26.13
C LYS B 192 12.67 8.88 26.84
N GLY B 193 12.36 9.03 28.13
CA GLY B 193 11.63 8.00 28.83
C GLY B 193 10.24 7.78 28.27
N GLY B 194 9.65 8.82 27.69
CA GLY B 194 8.34 8.73 27.09
C GLY B 194 8.33 8.32 25.63
N GLU B 195 9.47 7.93 25.08
CA GLU B 195 9.55 7.59 23.67
C GLU B 195 8.65 6.41 23.33
N SER B 196 8.70 5.35 24.13
CA SER B 196 7.85 4.19 23.87
C SER B 196 6.37 4.52 24.06
N THR B 197 6.04 5.39 25.02
CA THR B 197 4.67 5.83 25.16
C THR B 197 4.22 6.64 23.95
N ARG B 198 5.06 7.57 23.50
CA ARG B 198 4.77 8.32 22.29
C ARG B 198 4.61 7.38 21.09
N LYS B 199 5.51 6.41 20.96
CA LYS B 199 5.43 5.47 19.85
C LYS B 199 4.12 4.70 19.89
N PHE B 200 3.76 4.18 21.07
CA PHE B 200 2.53 3.40 21.17
C PHE B 200 1.31 4.25 20.84
N LEU B 201 1.25 5.49 21.35
CA LEU B 201 0.08 6.32 21.15
C LEU B 201 -0.12 6.67 19.69
N VAL B 202 0.94 7.13 19.01
CA VAL B 202 0.81 7.52 17.62
C VAL B 202 0.64 6.31 16.72
N SER B 203 1.06 5.13 17.16
CA SER B 203 0.87 3.92 16.35
C SER B 203 -0.57 3.43 16.40
N ASN B 204 -1.26 3.63 17.52
CA ASN B 204 -2.58 3.08 17.73
C ASN B 204 -3.70 4.12 17.68
N PHE B 205 -3.38 5.40 17.71
CA PHE B 205 -4.40 6.43 17.79
C PHE B 205 -4.16 7.51 16.74
N ASN B 206 -5.26 8.02 16.18
CA ASN B 206 -5.25 9.31 15.51
C ASN B 206 -5.34 10.36 16.60
N ILE B 207 -4.22 11.01 16.90
CA ILE B 207 -4.17 11.97 18.00
C ILE B 207 -5.07 13.16 17.67
N LEU B 208 -6.03 13.43 18.53
CA LEU B 208 -6.95 14.54 18.32
C LEU B 208 -6.46 15.82 18.98
N GLU B 209 -6.09 15.72 20.27
CA GLU B 209 -5.65 16.89 21.00
C GLU B 209 -4.80 16.45 22.19
N ILE B 210 -3.77 17.23 22.47
CA ILE B 210 -2.94 17.06 23.65
C ILE B 210 -3.06 18.34 24.47
N MET B 211 -3.48 18.22 25.71
CA MET B 211 -3.57 19.34 26.63
C MET B 211 -2.45 19.22 27.66
N ASP B 212 -1.54 20.18 27.65
CA ASP B 212 -0.48 20.28 28.66
C ASP B 212 -0.94 21.28 29.71
N LEU B 213 -1.42 20.78 30.84
CA LEU B 213 -1.93 21.65 31.90
C LEU B 213 -0.81 22.31 32.69
N GLY B 214 0.40 21.78 32.64
CA GLY B 214 1.55 22.45 33.23
C GLY B 214 1.43 22.58 34.73
N ASP B 215 1.83 23.74 35.24
CA ASP B 215 1.83 24.02 36.67
C ASP B 215 0.52 24.64 37.15
N SER B 216 -0.57 24.45 36.41
CA SER B 216 -1.85 25.04 36.76
CA SER B 216 -1.86 25.02 36.75
C SER B 216 -2.57 24.31 37.89
N LYS B 217 -1.85 23.46 38.64
CA LYS B 217 -2.40 22.73 39.79
C LYS B 217 -3.53 21.79 39.38
N PHE B 218 -4.77 22.24 39.56
CA PHE B 218 -5.97 21.46 39.26
C PHE B 218 -6.05 20.21 40.13
N PHE B 219 -5.01 19.37 40.07
CA PHE B 219 -4.90 18.20 40.93
C PHE B 219 -4.12 18.54 42.20
N GLU B 220 -3.09 17.75 42.49
CA GLU B 220 -2.26 17.98 43.66
C GLU B 220 -0.79 18.13 43.27
N VAL B 223 2.38 17.73 40.09
CA VAL B 223 2.29 16.47 39.38
C VAL B 223 2.36 16.69 37.87
N LEU B 224 2.08 17.94 37.47
CA LEU B 224 2.04 18.42 36.10
C LEU B 224 1.31 17.51 35.11
N PRO B 225 -0.02 17.65 35.00
CA PRO B 225 -0.79 16.73 34.17
C PRO B 225 -0.85 17.06 32.70
N ALA B 226 -1.01 16.00 31.90
CA ALA B 226 -1.31 16.14 30.48
C ALA B 226 -2.53 15.29 30.16
N ILE B 227 -3.38 15.79 29.27
CA ILE B 227 -4.56 15.06 28.84
C ILE B 227 -4.39 14.69 27.37
N PHE B 228 -4.59 13.42 27.05
CA PHE B 228 -4.45 12.89 25.71
C PHE B 228 -5.84 12.54 25.18
N PHE B 229 -6.19 13.11 24.02
CA PHE B 229 -7.41 12.75 23.32
C PHE B 229 -7.02 12.07 22.01
N GLY B 230 -7.50 10.85 21.83
CA GLY B 230 -7.15 10.09 20.65
C GLY B 230 -8.31 9.26 20.16
N GLU B 231 -8.39 9.12 18.85
CA GLU B 231 -9.32 8.21 18.19
C GLU B 231 -8.54 6.96 17.80
N LYS B 232 -9.00 5.80 18.29
CA LYS B 232 -8.28 4.57 18.01
C LYS B 232 -8.29 4.29 16.51
N LYS B 233 -7.10 4.04 15.96
CA LYS B 233 -6.97 3.79 14.54
C LYS B 233 -7.68 2.50 14.13
N ASN B 234 -8.27 2.51 12.94
CA ASN B 234 -8.75 1.29 12.34
C ASN B 234 -7.61 0.77 11.47
N LYS B 235 -7.10 -0.41 11.82
CA LYS B 235 -5.91 -0.96 11.18
C LYS B 235 -6.11 -1.31 9.71
N GLU B 236 -7.32 -1.10 9.19
CA GLU B 236 -7.64 -1.43 7.81
C GLU B 236 -8.04 -0.21 6.99
N ASN B 243 -5.80 15.24 9.54
CA ASN B 243 -6.09 16.10 10.73
C ASN B 243 -4.84 16.28 11.60
N VAL B 244 -4.16 17.41 11.42
CA VAL B 244 -3.04 17.75 12.30
C VAL B 244 -3.64 17.85 13.71
N PRO B 245 -3.01 17.25 14.70
CA PRO B 245 -3.62 17.20 16.04
C PRO B 245 -3.41 18.54 16.71
N LYS B 246 -4.37 18.91 17.55
CA LYS B 246 -4.29 20.17 18.28
C LYS B 246 -3.40 20.03 19.51
N PHE B 247 -2.74 21.11 19.89
CA PHE B 247 -1.92 21.11 21.13
C PHE B 247 -2.37 22.27 22.01
N PHE B 248 -2.91 21.96 23.18
CA PHE B 248 -3.30 23.02 24.15
C PHE B 248 -2.17 23.10 25.19
N LYS B 249 -1.80 24.33 25.59
CA LYS B 249 -0.76 24.52 26.58
C LYS B 249 -1.13 25.69 27.48
N ILE B 250 -1.13 25.47 28.79
CA ILE B 250 -1.43 26.52 29.76
C ILE B 250 -0.42 26.43 30.90
N TYR B 251 0.24 27.55 31.20
CA TYR B 251 1.20 27.63 32.28
C TYR B 251 1.00 28.95 33.01
N GLU B 252 1.29 28.94 34.31
CA GLU B 252 1.31 30.18 35.06
C GLU B 252 2.42 31.08 34.55
N GLN B 253 2.09 32.34 34.29
CA GLN B 253 3.06 33.35 33.88
C GLN B 253 3.32 34.28 35.05
N SER B 254 4.60 34.39 35.43
CA SER B 254 4.98 35.16 36.62
C SER B 254 5.10 36.67 36.43
N ASP B 255 5.88 37.09 35.43
CA ASP B 255 6.11 38.49 35.16
C ASP B 255 5.02 38.93 34.17
N ILE B 256 4.95 40.24 33.95
CA ILE B 256 4.01 40.82 33.01
C ILE B 256 4.73 41.87 32.17
N GLU B 257 4.47 41.85 30.87
CA GLU B 257 5.12 42.75 29.92
C GLU B 257 4.34 44.06 29.77
N SER B 261 -1.57 42.14 27.16
CA SER B 261 -3.02 42.14 26.99
C SER B 261 -3.60 41.02 27.85
N VAL B 262 -3.53 41.23 29.17
CA VAL B 262 -4.04 40.26 30.13
C VAL B 262 -5.56 40.26 30.05
N ASN B 263 -6.14 39.18 29.54
CA ASN B 263 -7.59 39.06 29.43
C ASN B 263 -8.14 38.58 30.76
N SER B 264 -8.78 39.48 31.50
CA SER B 264 -9.39 39.15 32.79
C SER B 264 -10.89 38.92 32.69
N GLU B 265 -11.37 38.51 31.52
CA GLU B 265 -12.81 38.34 31.33
C GLU B 265 -13.34 37.10 32.05
N PHE B 266 -12.52 36.07 32.18
CA PHE B 266 -12.98 34.80 32.73
C PHE B 266 -12.87 34.81 34.25
N ASN B 267 -13.83 34.15 34.90
CA ASN B 267 -13.95 34.18 36.35
C ASN B 267 -13.44 32.91 37.02
N SER B 268 -13.06 31.89 36.25
CA SER B 268 -12.58 30.65 36.81
C SER B 268 -11.45 30.11 35.96
N LEU B 269 -10.57 29.34 36.60
CA LEU B 269 -9.48 28.69 35.86
C LEU B 269 -10.01 27.63 34.90
N ILE B 270 -11.15 27.03 35.22
CA ILE B 270 -11.72 25.97 34.38
C ILE B 270 -12.16 26.53 33.03
N GLU B 271 -12.75 27.73 33.03
CA GLU B 271 -13.17 28.35 31.78
C GLU B 271 -12.01 28.59 30.83
N LEU B 272 -10.78 28.69 31.35
CA LEU B 272 -9.63 28.91 30.50
C LEU B 272 -9.32 27.71 29.61
N LEU B 273 -9.72 26.51 30.02
CA LEU B 273 -9.42 25.32 29.24
C LEU B 273 -10.26 25.19 27.97
N GLU B 274 -11.26 26.06 27.79
CA GLU B 274 -12.08 26.04 26.58
C GLU B 274 -11.92 27.30 25.74
N VAL B 275 -10.94 28.15 26.06
CA VAL B 275 -10.66 29.31 25.25
C VAL B 275 -10.07 28.87 23.91
N ASN B 276 -10.53 29.49 22.83
CA ASN B 276 -10.09 29.15 21.48
C ASN B 276 -9.08 30.14 20.91
N LYS B 277 -8.50 30.99 21.76
CA LYS B 277 -7.54 32.00 21.29
C LYS B 277 -6.39 32.08 22.26
N SER B 278 -5.17 32.18 21.73
CA SER B 278 -3.98 32.26 22.56
C SER B 278 -3.81 33.66 23.12
N GLY B 279 -3.09 33.75 24.22
CA GLY B 279 -2.79 35.02 24.84
C GLY B 279 -2.65 34.86 26.34
N LEU B 280 -2.64 36.00 27.02
CA LEU B 280 -2.53 36.06 28.47
C LEU B 280 -3.91 36.20 29.08
N TYR B 281 -4.19 35.39 30.10
CA TYR B 281 -5.46 35.38 30.80
C TYR B 281 -5.18 35.35 32.29
N SER B 282 -5.92 36.13 33.07
CA SER B 282 -5.75 36.12 34.52
C SER B 282 -7.04 35.76 35.23
N VAL B 283 -6.91 34.88 36.22
CA VAL B 283 -7.94 34.62 37.21
C VAL B 283 -7.23 34.89 38.53
N GLU B 284 -7.95 35.46 39.49
CA GLU B 284 -7.38 35.82 40.80
C GLU B 284 -6.12 36.71 40.72
N ASP B 285 -5.06 36.35 41.45
CA ASP B 285 -3.81 37.08 41.39
C ASP B 285 -2.93 36.50 40.29
N LYS B 286 -3.20 35.28 39.85
CA LYS B 286 -2.34 34.59 38.90
C LYS B 286 -2.75 34.89 37.47
N THR B 287 -1.75 35.05 36.60
CA THR B 287 -1.95 35.24 35.17
C THR B 287 -1.42 34.02 34.43
N TYR B 288 -2.24 33.47 33.54
CA TYR B 288 -1.91 32.25 32.83
C TYR B 288 -1.67 32.54 31.36
N SER B 289 -0.62 31.92 30.81
CA SER B 289 -0.31 32.00 29.39
C SER B 289 -0.89 30.77 28.70
N ILE B 290 -1.81 30.98 27.78
CA ILE B 290 -2.46 29.90 27.05
C ILE B 290 -1.99 29.95 25.60
N SER B 291 -1.53 28.80 25.10
CA SER B 291 -1.06 28.68 23.72
C SER B 291 -1.88 27.61 23.03
N LEU B 292 -2.60 27.99 21.99
CA LEU B 292 -3.31 27.05 21.14
C LEU B 292 -2.50 26.87 19.87
N GLY B 293 -2.11 25.63 19.58
CA GLY B 293 -1.35 25.36 18.38
C GLY B 293 -1.55 23.95 17.88
N LYS B 294 -0.60 23.48 17.09
CA LYS B 294 -0.64 22.15 16.52
C LYS B 294 0.59 21.37 16.97
N ILE B 295 0.48 20.04 16.82
CA ILE B 295 1.63 19.12 17.04
C ILE B 295 1.93 18.57 15.64
N ILE B 296 3.10 18.91 15.11
CA ILE B 296 3.43 18.56 13.73
C ILE B 296 4.24 17.26 13.72
N SER B 297 3.77 16.30 12.92
CA SER B 297 4.45 15.02 12.73
C SER B 297 4.74 14.29 14.04
N PRO B 298 3.69 13.90 14.79
CA PRO B 298 3.93 13.08 15.99
C PRO B 298 4.47 11.69 15.68
N GLU B 299 4.32 11.21 14.44
CA GLU B 299 4.88 9.91 14.06
C GLU B 299 6.38 9.86 14.27
N ASN B 300 7.04 11.01 14.29
CA ASN B 300 8.46 11.10 14.66
C ASN B 300 8.56 11.05 16.18
N TYR B 301 8.27 9.87 16.73
CA TYR B 301 8.12 9.71 18.17
C TYR B 301 9.44 9.78 18.92
N LYS B 302 10.59 9.68 18.23
CA LYS B 302 11.86 9.79 18.93
C LYS B 302 12.17 11.22 19.34
N GLU B 303 11.52 12.20 18.73
CA GLU B 303 11.71 13.57 19.14
C GLU B 303 10.57 14.01 20.06
N PRO B 304 10.80 14.98 20.94
CA PRO B 304 9.73 15.44 21.83
C PRO B 304 8.51 15.93 21.05
N TRP B 305 7.35 15.78 21.66
CA TRP B 305 6.11 16.35 21.14
C TRP B 305 5.97 17.74 21.73
N ILE B 306 6.27 18.75 20.92
CA ILE B 306 6.20 20.14 21.36
C ILE B 306 5.13 20.85 20.55
N LEU B 307 4.62 21.93 21.12
CA LEU B 307 3.61 22.73 20.44
C LEU B 307 4.22 23.55 19.32
N ALA B 308 3.55 23.55 18.18
CA ALA B 308 3.81 24.51 17.12
C ALA B 308 2.73 25.57 17.17
N THR B 309 3.13 26.84 17.17
CA THR B 309 2.17 27.92 17.17
C THR B 309 1.40 27.93 15.85
N GLU B 310 0.26 28.63 15.85
CA GLU B 310 -0.51 28.76 14.63
C GLU B 310 0.31 29.40 13.52
N ASP B 311 1.14 30.39 13.86
CA ASP B 311 1.96 31.05 12.86
C ASP B 311 3.00 30.10 12.28
N GLU B 312 3.67 29.34 13.14
CA GLU B 312 4.64 28.35 12.67
C GLU B 312 3.99 27.30 11.77
N TYR B 313 2.83 26.79 12.19
CA TYR B 313 2.15 25.79 11.37
C TYR B 313 1.69 26.38 10.05
N GLU B 314 1.15 27.61 10.09
CA GLU B 314 0.72 28.27 8.86
C GLU B 314 1.90 28.50 7.93
N TRP B 315 3.02 28.98 8.50
CA TRP B 315 4.24 29.14 7.71
C TRP B 315 4.74 27.81 7.19
N PHE B 316 4.67 26.76 8.02
CA PHE B 316 5.08 25.43 7.59
C PHE B 316 4.24 24.92 6.43
N MET B 317 2.92 25.11 6.50
CA MET B 317 2.06 24.66 5.40
C MET B 317 2.31 25.46 4.14
N LYS B 318 2.55 26.77 4.27
CA LYS B 318 2.77 27.61 3.09
C LYS B 318 4.05 27.21 2.36
N VAL B 319 5.11 26.90 3.12
CA VAL B 319 6.34 26.43 2.49
C VAL B 319 6.10 25.12 1.74
N ASN B 320 5.32 24.22 2.34
CA ASN B 320 5.08 22.92 1.71
C ASN B 320 4.26 23.07 0.42
N GLN B 321 3.27 23.95 0.42
CA GLN B 321 2.44 24.10 -0.76
C GLN B 321 3.11 24.93 -1.84
N ASN B 322 4.03 25.81 -1.47
CA ASN B 322 4.80 26.59 -2.44
C ASN B 322 6.08 25.89 -2.84
N ALA B 323 6.38 24.74 -2.24
CA ALA B 323 7.56 23.98 -2.63
C ALA B 323 7.37 23.36 -4.01
N TYR B 324 8.45 23.34 -4.78
CA TYR B 324 8.42 22.62 -6.05
C TYR B 324 8.62 21.12 -5.84
N GLY B 325 9.41 20.76 -4.84
CA GLY B 325 9.63 19.37 -4.51
C GLY B 325 10.45 19.27 -3.25
N PHE B 326 11.06 18.09 -3.08
CA PHE B 326 11.88 17.84 -1.90
C PHE B 326 13.21 17.24 -2.34
N ILE B 327 14.18 17.27 -1.43
CA ILE B 327 15.54 16.85 -1.78
C ILE B 327 15.53 15.43 -2.35
N GLU B 328 14.71 14.55 -1.79
CA GLU B 328 14.65 13.18 -2.29
C GLU B 328 14.15 13.10 -3.72
N ASP B 329 13.42 14.12 -4.21
CA ASP B 329 13.01 14.13 -5.61
C ASP B 329 14.17 14.40 -6.55
N PHE B 330 15.26 14.99 -6.05
CA PHE B 330 16.36 15.40 -6.90
C PHE B 330 17.67 14.69 -6.63
N ALA B 331 17.82 14.05 -5.47
CA ALA B 331 19.14 13.65 -5.03
C ALA B 331 19.06 12.45 -4.09
N HIS B 332 20.19 11.77 -3.96
CA HIS B 332 20.36 10.68 -3.01
C HIS B 332 21.07 11.19 -1.77
N VAL B 333 20.48 10.95 -0.60
CA VAL B 333 21.12 11.26 0.67
C VAL B 333 21.66 9.96 1.26
N LYS B 334 22.98 9.90 1.42
CA LYS B 334 23.67 8.66 1.74
C LYS B 334 24.48 8.82 3.02
N VAL B 335 24.82 7.68 3.62
CA VAL B 335 25.57 7.65 4.85
C VAL B 335 27.04 7.39 4.52
N GLY B 336 27.92 7.81 5.42
CA GLY B 336 29.33 7.55 5.26
C GLY B 336 29.66 6.10 5.51
N ILE B 337 30.95 5.81 5.49
CA ILE B 337 31.44 4.45 5.61
C ILE B 337 31.61 4.10 7.08
N LYS B 338 31.61 2.81 7.36
CA LYS B 338 32.03 2.27 8.66
C LYS B 338 33.15 1.27 8.39
N THR B 339 34.38 1.64 8.77
CA THR B 339 35.49 0.73 8.55
C THR B 339 35.48 -0.41 9.55
N THR B 340 34.95 -0.14 10.75
CA THR B 340 34.86 -1.05 11.89
C THR B 340 36.19 -1.10 12.65
N ALA B 341 37.33 -0.84 11.98
CA ALA B 341 38.63 -0.71 12.63
C ALA B 341 39.15 0.59 12.01
N ASP B 342 38.90 1.69 12.73
CA ASP B 342 39.25 3.02 12.20
C ASP B 342 40.75 3.22 12.41
N SER B 343 41.27 2.76 13.53
CA SER B 343 42.70 2.93 13.80
C SER B 343 43.58 2.20 12.79
N VAL B 344 43.07 1.15 12.14
CA VAL B 344 43.82 0.47 11.10
C VAL B 344 43.63 1.14 9.75
N PHE B 345 42.40 1.53 9.42
CA PHE B 345 42.07 1.96 8.07
C PHE B 345 42.20 3.47 7.86
N ILE B 346 41.98 4.28 8.91
CA ILE B 346 41.99 5.73 8.79
C ILE B 346 43.18 6.25 9.57
N ARG B 347 44.10 6.89 8.86
CA ARG B 347 45.32 7.45 9.45
C ARG B 347 45.68 8.73 8.74
N SER B 348 46.54 9.52 9.38
CA SER B 348 47.13 10.71 8.75
C SER B 348 48.65 10.65 8.76
N ASP B 349 49.23 9.48 9.06
CA ASP B 349 50.67 9.30 9.14
C ASP B 349 51.13 8.19 8.20
N TRP B 350 50.39 7.96 7.12
CA TRP B 350 50.73 6.89 6.18
C TRP B 350 52.16 7.03 5.68
N GLY B 351 52.64 8.26 5.51
CA GLY B 351 53.98 8.49 5.03
C GLY B 351 55.08 8.16 6.03
N GLU B 352 54.74 7.98 7.31
CA GLU B 352 55.72 7.69 8.34
C GLU B 352 55.88 6.20 8.61
N LEU B 353 55.07 5.36 7.99
CA LEU B 353 55.23 3.92 8.13
C LEU B 353 56.49 3.45 7.41
N PRO B 354 56.99 2.26 7.76
CA PRO B 354 58.06 1.66 6.96
C PRO B 354 57.65 1.56 5.50
N GLU B 355 58.60 1.82 4.60
CA GLU B 355 58.29 1.92 3.18
C GLU B 355 57.58 0.67 2.66
N GLU B 356 57.95 -0.51 3.17
CA GLU B 356 57.33 -1.73 2.70
C GLU B 356 55.88 -1.88 3.16
N GLN B 357 55.40 -0.99 4.03
CA GLN B 357 54.03 -1.04 4.52
C GLN B 357 53.18 0.14 4.08
N ILE B 358 53.77 1.13 3.41
CA ILE B 358 52.99 2.29 2.94
C ILE B 358 52.11 1.83 1.80
N PRO B 359 50.79 1.85 1.95
CA PRO B 359 49.92 1.30 0.90
C PRO B 359 50.07 2.05 -0.42
N GLU B 360 49.79 1.33 -1.50
CA GLU B 360 49.87 1.93 -2.83
C GLU B 360 48.94 3.13 -2.94
N ASP B 361 49.35 4.08 -3.77
CA ASP B 361 48.72 5.40 -3.80
C ASP B 361 47.22 5.31 -4.12
N LYS B 362 46.86 4.43 -5.07
CA LYS B 362 45.47 4.29 -5.49
C LYS B 362 44.54 3.93 -4.33
N LEU B 363 45.05 3.24 -3.31
CA LEU B 363 44.21 2.78 -2.23
C LEU B 363 44.01 3.81 -1.13
N LEU B 364 44.85 4.84 -1.06
CA LEU B 364 44.75 5.85 -0.02
C LEU B 364 43.86 6.98 -0.51
N ARG B 365 42.62 6.98 -0.05
CA ARG B 365 41.74 8.05 -0.47
C ARG B 365 41.53 9.05 0.67
N PRO B 366 41.41 10.34 0.35
CA PRO B 366 41.06 11.31 1.40
C PRO B 366 39.72 10.97 2.01
N ILE B 367 39.60 11.18 3.32
CA ILE B 367 38.35 10.89 4.02
C ILE B 367 38.00 12.07 4.91
N ILE B 368 36.72 12.43 4.92
CA ILE B 368 36.23 13.61 5.62
C ILE B 368 35.29 13.13 6.71
N SER B 369 35.49 13.63 7.93
CA SER B 369 34.67 13.33 9.09
C SER B 369 34.01 14.60 9.60
N ALA B 370 33.11 14.43 10.58
CA ALA B 370 32.26 15.53 11.04
C ALA B 370 33.06 16.71 11.57
N ASP B 371 34.18 16.44 12.26
CA ASP B 371 34.96 17.52 12.86
C ASP B 371 35.52 18.48 11.82
N GLN B 372 35.66 18.04 10.58
CA GLN B 372 36.14 18.90 9.50
C GLN B 372 35.03 19.68 8.83
N ALA B 373 33.79 19.51 9.27
CA ALA B 373 32.65 20.12 8.59
C ALA B 373 32.72 21.64 8.70
N ASN B 374 32.42 22.31 7.59
CA ASN B 374 32.39 23.76 7.51
C ASN B 374 31.37 24.13 6.45
N LYS B 375 30.91 25.37 6.47
CA LYS B 375 29.94 25.81 5.47
C LYS B 375 30.61 25.94 4.10
N TRP B 376 29.90 25.49 3.06
CA TRP B 376 30.22 25.75 1.66
C TRP B 376 31.40 24.93 1.15
N SER B 377 32.55 25.05 1.79
CA SER B 377 33.71 24.28 1.35
C SER B 377 34.67 24.11 2.51
N VAL B 378 35.52 23.10 2.41
CA VAL B 378 36.60 22.84 3.36
C VAL B 378 37.92 22.76 2.60
N SER B 379 38.98 23.20 3.25
CA SER B 379 40.32 23.13 2.65
C SER B 379 40.91 21.75 2.94
N LEU B 380 41.23 21.02 1.88
CA LEU B 380 41.83 19.70 2.01
C LEU B 380 43.35 19.72 1.89
N VAL B 381 43.94 20.83 1.42
CA VAL B 381 45.38 20.94 1.36
C VAL B 381 45.95 20.96 2.78
N GLY B 382 47.09 20.29 2.96
CA GLY B 382 47.68 20.16 4.27
C GLY B 382 47.09 19.08 5.13
N ASN B 383 46.06 18.38 4.65
CA ASN B 383 45.40 17.33 5.42
C ASN B 383 45.82 15.97 4.88
N ASN B 384 46.41 15.14 5.74
CA ASN B 384 46.89 13.83 5.36
C ASN B 384 45.98 12.71 5.85
N LYS B 385 44.78 13.03 6.31
CA LYS B 385 43.83 12.02 6.75
C LYS B 385 43.35 11.23 5.54
N LYS B 386 43.76 9.97 5.44
CA LYS B 386 43.38 9.13 4.32
C LYS B 386 42.94 7.77 4.83
N VAL B 387 41.98 7.18 4.12
CA VAL B 387 41.49 5.84 4.43
C VAL B 387 42.11 4.87 3.45
N LEU B 388 42.53 3.71 3.97
CA LEU B 388 42.92 2.58 3.12
C LEU B 388 41.64 1.93 2.62
N TYR B 389 41.23 2.31 1.40
CA TYR B 389 39.96 1.87 0.84
C TYR B 389 40.14 0.50 0.20
N THR B 390 39.40 -0.48 0.68
CA THR B 390 39.64 -1.89 0.38
C THR B 390 38.78 -2.44 -0.75
N HIS B 391 37.98 -1.60 -1.40
CA HIS B 391 37.07 -2.08 -2.43
C HIS B 391 37.26 -1.31 -3.71
N GLU B 392 36.79 -1.91 -4.80
CA GLU B 392 36.95 -1.33 -6.13
C GLU B 392 35.84 -1.85 -7.04
N ILE B 393 35.74 -1.25 -8.21
CA ILE B 393 34.86 -1.73 -9.27
C ILE B 393 35.70 -2.59 -10.19
N ARG B 394 35.46 -3.91 -10.16
CA ARG B 394 36.16 -4.85 -11.03
C ARG B 394 35.12 -5.62 -11.82
N ASP B 395 35.17 -5.47 -13.16
CA ASP B 395 34.22 -6.10 -14.06
C ASP B 395 32.77 -5.73 -13.70
N GLY B 396 32.55 -4.45 -13.47
CA GLY B 396 31.23 -3.96 -13.13
C GLY B 396 30.69 -4.39 -11.78
N GLN B 397 31.53 -4.92 -10.90
CA GLN B 397 31.11 -5.41 -9.61
C GLN B 397 31.87 -4.73 -8.48
N ILE B 398 31.19 -4.52 -7.37
CA ILE B 398 31.83 -4.01 -6.15
C ILE B 398 32.51 -5.19 -5.47
N LYS B 399 33.83 -5.23 -5.56
CA LYS B 399 34.60 -6.32 -4.98
C LYS B 399 35.72 -5.76 -4.13
N ALA B 400 36.20 -6.58 -3.19
CA ALA B 400 37.39 -6.25 -2.44
C ALA B 400 38.61 -6.32 -3.34
N ILE B 401 39.62 -5.51 -3.01
CA ILE B 401 40.85 -5.54 -3.79
C ILE B 401 41.53 -6.88 -3.62
N ASN B 402 42.25 -7.30 -4.66
CA ASN B 402 43.11 -8.48 -4.58
C ASN B 402 44.40 -8.05 -3.92
N LEU B 403 44.67 -8.58 -2.72
CA LEU B 403 45.84 -8.14 -1.96
C LEU B 403 47.14 -8.45 -2.70
N GLU B 404 47.17 -9.51 -3.50
CA GLU B 404 48.38 -9.85 -4.25
C GLU B 404 48.76 -8.76 -5.26
N GLU B 405 47.81 -7.94 -5.68
CA GLU B 405 48.08 -6.85 -6.60
C GLU B 405 48.62 -5.60 -5.90
N PHE B 406 48.50 -5.52 -4.58
CA PHE B 406 49.00 -4.39 -3.80
C PHE B 406 49.85 -4.93 -2.67
N PRO B 407 51.10 -5.32 -2.96
CA PRO B 407 51.92 -5.98 -1.94
C PRO B 407 52.24 -5.11 -0.74
N ARG B 408 52.38 -3.80 -0.92
CA ARG B 408 52.69 -2.95 0.23
C ARG B 408 51.50 -2.82 1.17
N ALA B 409 50.30 -2.58 0.63
CA ALA B 409 49.11 -2.61 1.46
C ALA B 409 48.91 -3.99 2.09
N LYS B 410 49.31 -5.05 1.37
CA LYS B 410 49.26 -6.39 1.94
C LYS B 410 50.14 -6.50 3.19
N ASN B 411 51.35 -5.95 3.13
CA ASN B 411 52.23 -5.98 4.30
C ASN B 411 51.64 -5.20 5.46
N TYR B 412 51.06 -4.03 5.18
CA TYR B 412 50.44 -3.24 6.24
C TYR B 412 49.28 -4.00 6.87
N LEU B 413 48.38 -4.53 6.04
CA LEU B 413 47.18 -5.17 6.57
C LEU B 413 47.50 -6.45 7.31
N GLU B 414 48.49 -7.21 6.82
CA GLU B 414 48.84 -8.45 7.50
C GLU B 414 49.48 -8.20 8.86
N SER B 415 50.16 -7.07 9.03
CA SER B 415 50.68 -6.71 10.35
C SER B 415 49.55 -6.38 11.33
N HIS B 416 48.33 -6.18 10.85
CA HIS B 416 47.16 -5.99 11.70
C HIS B 416 46.15 -7.12 11.53
N LYS B 417 46.59 -8.28 11.02
CA LYS B 417 45.68 -9.36 10.70
C LYS B 417 44.95 -9.87 11.94
N GLU B 418 45.59 -9.81 13.11
CA GLU B 418 44.96 -10.33 14.32
C GLU B 418 43.69 -9.56 14.65
N ARG B 419 43.76 -8.22 14.64
CA ARG B 419 42.57 -7.42 14.92
C ARG B 419 41.52 -7.55 13.82
N LEU B 420 41.96 -7.52 12.55
CA LEU B 420 41.00 -7.52 11.45
C LEU B 420 40.32 -8.88 11.31
N ALA B 421 41.07 -9.97 11.44
CA ALA B 421 40.48 -11.30 11.28
C ALA B 421 39.61 -11.71 12.45
N SER B 422 39.78 -11.08 13.61
CA SER B 422 38.96 -11.37 14.79
C SER B 422 37.57 -10.74 14.70
N ARG B 423 37.22 -10.12 13.58
CA ARG B 423 35.88 -9.57 13.38
C ARG B 423 35.00 -10.69 12.82
N LYS B 424 34.19 -11.29 13.69
CA LYS B 424 33.42 -12.49 13.31
C LYS B 424 32.37 -12.17 12.25
N TYR B 425 31.72 -11.00 12.34
CA TYR B 425 30.67 -10.67 11.39
C TYR B 425 31.20 -10.55 9.97
N VAL B 426 32.46 -10.18 9.83
CA VAL B 426 33.07 -10.13 8.50
C VAL B 426 33.25 -11.55 7.96
N LEU B 427 33.78 -12.45 8.79
CA LEU B 427 33.95 -13.84 8.39
C LEU B 427 32.61 -14.54 8.20
N LYS B 428 31.61 -14.16 9.01
CA LYS B 428 30.29 -14.76 8.90
C LYS B 428 29.59 -14.39 7.60
N ALA B 429 29.97 -13.25 7.01
CA ALA B 429 29.40 -12.80 5.75
C ALA B 429 30.18 -13.31 4.54
N ASN B 430 31.08 -14.28 4.74
CA ASN B 430 31.91 -14.82 3.66
C ASN B 430 32.71 -13.72 2.97
N ARG B 431 33.20 -12.76 3.77
CA ARG B 431 33.98 -11.64 3.27
C ARG B 431 35.40 -11.72 3.82
N ASN B 432 36.32 -11.07 3.11
CA ASN B 432 37.73 -11.15 3.44
C ASN B 432 38.04 -10.44 4.76
N TRP B 433 39.04 -10.96 5.46
CA TRP B 433 39.40 -10.45 6.78
C TRP B 433 39.84 -8.99 6.74
N TYR B 434 40.37 -8.55 5.61
CA TYR B 434 40.98 -7.22 5.49
C TYR B 434 40.01 -6.15 5.01
N GLU B 435 38.73 -6.46 4.86
CA GLU B 435 37.79 -5.56 4.22
C GLU B 435 37.31 -4.47 5.18
N ILE B 436 37.12 -3.27 4.64
CA ILE B 436 36.29 -2.27 5.31
C ILE B 436 34.87 -2.81 5.39
N TRP B 437 34.27 -2.73 6.58
CA TRP B 437 32.98 -3.39 6.81
C TRP B 437 31.88 -2.82 5.90
N VAL B 438 31.70 -1.50 5.92
CA VAL B 438 30.71 -0.88 5.05
C VAL B 438 31.42 0.11 4.12
N PRO B 439 31.82 -0.31 2.93
CA PRO B 439 32.53 0.60 2.02
C PRO B 439 31.67 1.29 0.98
N HIS B 440 30.36 1.05 0.97
CA HIS B 440 29.42 1.60 -0.03
C HIS B 440 29.85 1.31 -1.47
N ASP B 441 29.87 2.33 -2.33
CA ASP B 441 30.08 2.13 -3.76
C ASP B 441 31.36 2.88 -4.10
N PRO B 442 32.42 2.17 -4.53
CA PRO B 442 33.68 2.86 -4.86
C PRO B 442 33.55 3.89 -5.97
N SER B 443 32.62 3.70 -6.90
CA SER B 443 32.52 4.59 -8.05
C SER B 443 31.84 5.91 -7.73
N LEU B 444 31.12 6.00 -6.61
CA LEU B 444 30.37 7.21 -6.31
C LEU B 444 31.21 8.27 -5.58
N TRP B 445 32.36 7.88 -5.02
CA TRP B 445 33.17 8.86 -4.30
C TRP B 445 33.73 9.92 -5.22
N ASP B 446 33.92 9.60 -6.50
CA ASP B 446 34.53 10.54 -7.44
C ASP B 446 33.59 11.65 -7.86
N LYS B 447 32.29 11.46 -7.68
CA LYS B 447 31.32 12.47 -8.08
C LYS B 447 31.38 13.66 -7.13
N PRO B 448 31.11 14.88 -7.63
CA PRO B 448 30.91 16.01 -6.73
C PRO B 448 29.76 15.73 -5.78
N LYS B 449 29.91 16.14 -4.52
CA LYS B 449 28.94 15.77 -3.52
C LYS B 449 28.79 16.90 -2.50
N ILE B 450 27.64 16.92 -1.85
CA ILE B 450 27.46 17.73 -0.65
C ILE B 450 27.73 16.83 0.54
N ILE B 451 28.44 17.36 1.53
CA ILE B 451 28.69 16.64 2.77
C ILE B 451 28.20 17.50 3.93
N PHE B 452 27.64 16.86 4.95
CA PHE B 452 27.24 17.55 6.17
C PHE B 452 27.38 16.59 7.34
N PRO B 453 27.64 17.11 8.54
CA PRO B 453 27.73 16.23 9.72
C PRO B 453 26.36 15.80 10.21
N ASP B 454 26.36 14.66 10.92
CA ASP B 454 25.11 14.12 11.43
C ASP B 454 24.48 15.03 12.48
N THR B 455 25.31 15.70 13.29
CA THR B 455 24.84 16.57 14.35
C THR B 455 25.66 17.85 14.31
N SER B 456 24.99 18.99 14.51
CA SER B 456 25.68 20.27 14.42
C SER B 456 24.83 21.35 15.04
N PRO B 457 25.42 22.28 15.81
CA PRO B 457 24.62 23.39 16.34
C PRO B 457 24.16 24.38 15.27
N GLU B 458 24.86 24.43 14.14
CA GLU B 458 24.49 25.25 12.98
C GLU B 458 24.67 24.40 11.73
N PRO B 459 23.92 24.69 10.66
CA PRO B 459 24.11 23.93 9.42
C PRO B 459 25.51 24.10 8.85
N LYS B 460 26.16 22.97 8.57
CA LYS B 460 27.50 22.93 7.99
C LYS B 460 27.28 21.95 6.84
N PHE B 461 26.85 22.49 5.70
CA PHE B 461 26.68 21.65 4.49
C PHE B 461 27.73 22.14 3.49
N PHE B 462 28.67 21.27 3.09
CA PHE B 462 29.76 21.77 2.21
C PHE B 462 29.90 20.96 0.93
N TYR B 463 30.38 21.62 -0.12
CA TYR B 463 30.59 20.98 -1.41
C TYR B 463 32.00 20.40 -1.45
N GLU B 464 32.11 19.21 -2.04
CA GLU B 464 33.38 18.51 -2.12
C GLU B 464 33.47 17.85 -3.49
N ASP B 465 34.58 18.07 -4.20
CA ASP B 465 34.74 17.50 -5.53
C ASP B 465 36.13 16.90 -5.76
N LYS B 466 36.84 16.52 -4.71
CA LYS B 466 38.16 15.91 -4.83
C LYS B 466 38.11 14.39 -4.69
N GLY B 467 36.94 13.77 -4.85
CA GLY B 467 36.83 12.33 -4.73
C GLY B 467 36.97 11.79 -3.34
N SER B 468 36.61 12.56 -2.32
CA SER B 468 36.81 12.13 -0.95
C SER B 468 35.78 11.08 -0.53
N VAL B 469 36.23 10.17 0.33
CA VAL B 469 35.34 9.26 1.01
C VAL B 469 34.76 9.97 2.22
N VAL B 470 33.52 9.65 2.57
CA VAL B 470 32.81 10.31 3.66
C VAL B 470 32.74 9.35 4.83
N ASP B 471 33.16 9.82 6.00
CA ASP B 471 33.18 8.96 7.18
C ASP B 471 31.76 8.78 7.73
N GLY B 472 31.66 7.90 8.74
CA GLY B 472 30.35 7.45 9.19
C GLY B 472 29.54 8.50 9.93
N ASN B 473 30.20 9.49 10.55
CA ASN B 473 29.49 10.54 11.24
C ASN B 473 29.09 11.69 10.32
N CYS B 474 29.15 11.48 9.00
CA CYS B 474 28.67 12.44 8.02
C CYS B 474 27.72 11.76 7.05
N TYR B 475 26.85 12.57 6.45
CA TYR B 475 26.04 12.14 5.32
C TYR B 475 26.51 12.88 4.07
N TRP B 476 26.03 12.42 2.92
CA TRP B 476 26.43 13.09 1.68
C TRP B 476 25.31 12.99 0.66
N ILE B 477 25.31 13.95 -0.26
CA ILE B 477 24.25 14.14 -1.24
C ILE B 477 24.85 14.15 -2.64
N ILE B 478 24.33 13.29 -3.52
CA ILE B 478 24.65 13.32 -4.94
C ILE B 478 23.35 13.41 -5.72
N PRO B 479 23.34 13.99 -6.92
CA PRO B 479 22.09 14.10 -7.68
C PRO B 479 21.64 12.73 -8.17
N LYS B 480 20.34 12.62 -8.43
CA LYS B 480 19.74 11.43 -9.02
C LYS B 480 20.01 11.28 -10.52
N LYS B 481 21.12 11.82 -11.02
CA LYS B 481 21.52 11.72 -12.43
C LYS B 481 20.62 12.49 -13.39
N GLU B 482 19.30 12.41 -13.19
CA GLU B 482 18.39 13.16 -14.07
C GLU B 482 18.54 14.65 -13.85
N ASN B 483 19.16 15.05 -12.74
CA ASN B 483 19.44 16.45 -12.42
C ASN B 483 20.91 16.77 -12.64
N SER B 484 21.17 17.97 -13.14
CA SER B 484 22.55 18.39 -13.37
C SER B 484 23.27 18.57 -12.03
N ASN B 485 24.59 18.75 -12.11
CA ASN B 485 25.37 19.06 -10.92
C ASN B 485 24.96 20.38 -10.29
N ASP B 486 24.33 21.27 -11.05
CA ASP B 486 23.90 22.56 -10.51
C ASP B 486 22.89 22.40 -9.38
N ILE B 487 22.14 21.29 -9.35
CA ILE B 487 21.12 21.11 -8.32
C ILE B 487 21.77 21.01 -6.94
N LEU B 488 23.03 20.56 -6.88
CA LEU B 488 23.72 20.48 -5.60
C LEU B 488 23.92 21.86 -5.00
N PHE B 489 24.20 22.87 -5.85
CA PHE B 489 24.42 24.21 -5.33
C PHE B 489 23.12 24.81 -4.82
N LEU B 490 21.99 24.51 -5.48
CA LEU B 490 20.71 24.97 -4.97
C LEU B 490 20.40 24.30 -3.64
N ILE B 491 20.54 22.98 -3.58
CA ILE B 491 20.26 22.24 -2.35
C ILE B 491 21.12 22.76 -1.20
N MET B 492 22.39 23.02 -1.47
CA MET B 492 23.31 23.48 -0.40
C MET B 492 22.89 24.87 0.06
N GLY B 493 22.52 25.72 -0.89
CA GLY B 493 22.03 27.04 -0.51
C GLY B 493 20.82 26.95 0.39
N ILE B 494 19.93 26.01 0.11
CA ILE B 494 18.74 25.82 0.95
C ILE B 494 19.14 25.27 2.32
N CYS B 495 19.93 24.20 2.34
CA CYS B 495 20.23 23.50 3.59
C CYS B 495 20.93 24.40 4.60
N ASN B 496 21.79 25.31 4.14
CA ASN B 496 22.59 26.13 5.02
C ASN B 496 21.88 27.38 5.52
N SER B 497 20.62 27.58 5.13
CA SER B 497 19.96 28.85 5.37
C SER B 497 19.26 28.89 6.72
N LYS B 498 19.08 30.10 7.23
CA LYS B 498 18.21 30.28 8.40
C LYS B 498 16.79 29.87 8.07
N PHE B 499 16.36 30.10 6.82
CA PHE B 499 15.05 29.64 6.38
C PHE B 499 14.85 28.16 6.69
N MET B 500 15.80 27.33 6.24
CA MET B 500 15.66 25.88 6.42
C MET B 500 15.97 25.46 7.84
N SER B 501 16.80 26.22 8.56
CA SER B 501 16.97 25.97 9.99
C SER B 501 15.65 26.15 10.73
N LYS B 502 14.89 27.19 10.37
CA LYS B 502 13.58 27.40 10.96
C LYS B 502 12.61 26.29 10.57
N TYR B 503 12.59 25.93 9.28
CA TYR B 503 11.75 24.82 8.84
C TYR B 503 12.10 23.53 9.56
N HIS B 504 13.41 23.26 9.71
CA HIS B 504 13.85 22.07 10.43
C HIS B 504 13.35 22.07 11.87
N ASP B 505 13.44 23.21 12.54
CA ASP B 505 12.98 23.31 13.92
C ASP B 505 11.48 23.01 14.04
N ILE B 506 10.69 23.47 13.07
CA ILE B 506 9.25 23.25 13.14
C ILE B 506 8.88 21.85 12.70
N ALA B 507 9.50 21.35 11.62
CA ALA B 507 9.03 20.13 10.99
C ALA B 507 9.59 18.92 11.73
N PHE B 508 10.87 18.91 12.06
CA PHE B 508 11.51 17.69 12.55
C PHE B 508 11.94 17.69 14.01
N GLN B 509 12.70 18.67 14.46
CA GLN B 509 13.11 18.76 15.86
C GLN B 509 13.72 20.13 16.07
N ASN B 510 13.41 20.74 17.21
CA ASN B 510 13.84 22.09 17.50
C ASN B 510 15.24 22.07 18.12
N LYS B 511 16.10 22.94 17.62
CA LYS B 511 17.45 23.07 18.18
C LYS B 511 17.41 23.45 19.66
N LEU B 512 16.39 24.19 20.08
CA LEU B 512 16.33 24.72 21.43
C LEU B 512 16.29 23.63 22.49
N TYR B 513 15.87 22.41 22.14
CA TYR B 513 15.74 21.35 23.14
C TYR B 513 17.10 20.92 23.66
N ALA B 514 18.02 20.56 22.76
CA ALA B 514 19.33 20.06 23.16
C ALA B 514 20.49 20.95 22.73
N GLY B 515 20.21 22.05 22.03
CA GLY B 515 21.26 22.93 21.56
C GLY B 515 21.92 22.50 20.26
N ARG B 516 21.43 21.43 19.63
CA ARG B 516 21.97 20.96 18.37
C ARG B 516 20.84 20.48 17.48
N ARG B 517 21.12 20.37 16.20
CA ARG B 517 20.19 19.79 15.24
C ARG B 517 20.73 18.45 14.78
N ARG B 518 19.84 17.47 14.66
CA ARG B 518 20.16 16.17 14.10
C ARG B 518 19.72 16.10 12.64
N TYR B 519 20.68 15.96 11.74
CA TYR B 519 20.39 15.91 10.31
C TYR B 519 20.24 14.47 9.85
N LEU B 520 19.17 13.85 10.34
CA LEU B 520 18.83 12.49 9.92
C LEU B 520 18.41 12.54 8.46
N THR B 521 18.64 11.43 7.75
CA THR B 521 18.26 11.35 6.35
C THR B 521 16.75 11.47 6.18
N GLN B 522 15.99 11.05 7.17
CA GLN B 522 14.52 11.14 7.11
C GLN B 522 14.12 12.63 7.09
N TYR B 523 14.95 13.47 7.69
CA TYR B 523 14.63 14.90 7.71
C TYR B 523 15.10 15.58 6.44
N VAL B 524 16.38 15.39 6.09
CA VAL B 524 16.97 16.10 4.96
C VAL B 524 16.27 15.71 3.66
N ASN B 525 15.88 14.43 3.54
CA ASN B 525 15.12 14.01 2.37
C ASN B 525 13.86 14.83 2.20
N LYS B 526 13.28 15.33 3.29
CA LYS B 526 12.04 16.08 3.26
C LYS B 526 12.26 17.59 3.35
N TYR B 527 13.46 18.05 3.08
CA TYR B 527 13.67 19.49 2.95
C TYR B 527 12.99 19.97 1.67
N PRO B 528 12.11 20.96 1.75
CA PRO B 528 11.50 21.48 0.52
C PRO B 528 12.51 22.22 -0.33
N ILE B 529 12.35 22.10 -1.64
CA ILE B 529 13.24 22.72 -2.61
C ILE B 529 12.41 23.59 -3.55
N PRO B 530 12.83 24.81 -3.86
CA PRO B 530 12.10 25.63 -4.82
C PRO B 530 12.37 25.18 -6.25
N ASP B 531 11.60 25.77 -7.17
CA ASP B 531 11.71 25.46 -8.60
C ASP B 531 13.11 25.80 -9.09
N PRO B 532 13.88 24.80 -9.56
CA PRO B 532 15.25 25.09 -10.02
C PRO B 532 15.32 26.03 -11.20
N GLU B 533 14.26 26.12 -12.01
CA GLU B 533 14.25 27.01 -13.17
C GLU B 533 13.84 28.43 -12.81
N SER B 534 13.40 28.66 -11.58
CA SER B 534 13.08 30.01 -11.13
C SER B 534 14.28 30.93 -11.26
N ILE B 535 14.01 32.19 -11.58
CA ILE B 535 15.10 33.17 -11.70
C ILE B 535 15.77 33.37 -10.35
N TYR B 536 15.04 33.17 -9.26
CA TYR B 536 15.62 33.29 -7.93
C TYR B 536 16.49 32.08 -7.58
N SER B 537 16.05 30.87 -7.97
CA SER B 537 16.89 29.70 -7.76
C SER B 537 18.16 29.78 -8.59
N LYS B 538 18.08 30.34 -9.79
CA LYS B 538 19.27 30.48 -10.62
C LYS B 538 20.29 31.40 -9.97
N GLU B 539 19.82 32.48 -9.32
CA GLU B 539 20.75 33.39 -8.65
C GLU B 539 21.36 32.72 -7.43
N ILE B 540 20.58 31.93 -6.69
CA ILE B 540 21.12 31.17 -5.57
C ILE B 540 22.25 30.26 -6.03
N ILE B 541 22.02 29.53 -7.13
CA ILE B 541 23.06 28.63 -7.64
C ILE B 541 24.33 29.40 -7.96
N SER B 542 24.21 30.53 -8.63
CA SER B 542 25.40 31.29 -9.01
C SER B 542 26.10 31.87 -7.78
N LEU B 543 25.33 32.30 -6.78
CA LEU B 543 25.94 32.82 -5.56
C LEU B 543 26.61 31.70 -4.77
N VAL B 544 25.99 30.52 -4.71
CA VAL B 544 26.59 29.40 -4.00
C VAL B 544 27.84 28.92 -4.73
N ARG B 545 27.76 28.82 -6.06
CA ARG B 545 28.95 28.51 -6.85
C ARG B 545 30.08 29.49 -6.58
N GLU B 546 29.75 30.75 -6.30
CA GLU B 546 30.76 31.74 -5.97
C GLU B 546 31.39 31.45 -4.62
N LEU B 547 30.59 31.05 -3.63
CA LEU B 547 31.13 30.74 -2.32
C LEU B 547 32.00 29.50 -2.34
N VAL B 548 31.74 28.57 -3.26
CA VAL B 548 32.48 27.31 -3.29
C VAL B 548 33.82 27.49 -4.00
N ASN B 549 33.83 28.20 -5.14
CA ASN B 549 34.99 28.23 -6.01
C ASN B 549 35.90 29.44 -5.78
N ASN B 550 35.50 30.38 -4.92
CA ASN B 550 36.25 31.61 -4.71
C ASN B 550 36.35 31.85 -3.21
N LYS B 551 37.57 31.77 -2.68
CA LYS B 551 37.79 32.08 -1.28
C LYS B 551 37.65 33.59 -1.06
N LYS B 552 36.78 33.96 -0.13
CA LYS B 552 36.42 35.35 0.10
C LYS B 552 36.54 35.68 1.58
N GLU B 553 36.59 36.98 1.87
CA GLU B 553 36.64 37.43 3.25
C GLU B 553 35.28 37.23 3.92
N THR B 554 35.27 37.21 5.24
CA THR B 554 34.01 36.94 5.97
C THR B 554 33.00 38.07 5.71
N GLN B 555 33.46 39.29 5.47
CA GLN B 555 32.53 40.39 5.34
C GLN B 555 31.56 40.18 4.18
N ASP B 556 32.11 39.68 3.06
CA ASP B 556 31.35 39.48 1.80
C ASP B 556 30.61 38.15 1.84
N ILE B 557 31.16 37.19 2.54
CA ILE B 557 30.48 35.90 2.67
C ILE B 557 29.14 36.10 3.36
N ASN B 558 29.12 36.90 4.43
CA ASN B 558 27.85 37.22 5.10
C ASN B 558 26.90 37.94 4.16
N GLU B 559 27.43 38.82 3.31
CA GLU B 559 26.58 39.52 2.35
C GLU B 559 25.94 38.54 1.37
N ILE B 560 26.74 37.63 0.81
CA ILE B 560 26.20 36.61 -0.08
C ILE B 560 25.15 35.78 0.65
N GLU B 561 25.43 35.39 1.90
CA GLU B 561 24.45 34.60 2.66
C GLU B 561 23.17 35.38 2.90
N ASN B 562 23.28 36.70 3.11
CA ASN B 562 22.08 37.51 3.26
C ASN B 562 21.29 37.54 1.97
N ARG B 563 21.98 37.65 0.82
CA ARG B 563 21.30 37.63 -0.46
C ARG B 563 20.57 36.31 -0.68
N ILE B 564 21.20 35.20 -0.29
CA ILE B 564 20.58 33.88 -0.46
C ILE B 564 19.32 33.76 0.39
N GLU B 565 19.36 34.29 1.62
CA GLU B 565 18.17 34.25 2.47
C GLU B 565 16.99 34.93 1.80
N LYS B 566 17.21 36.12 1.24
CA LYS B 566 16.12 36.86 0.61
C LYS B 566 15.67 36.17 -0.68
N LEU B 567 16.61 35.56 -1.41
CA LEU B 567 16.25 34.86 -2.64
C LEU B 567 15.39 33.63 -2.33
N ILE B 568 15.69 32.94 -1.22
CA ILE B 568 14.88 31.79 -0.84
C ILE B 568 13.45 32.21 -0.54
N LEU B 569 13.28 33.34 0.16
CA LEU B 569 11.93 33.87 0.40
C LEU B 569 11.21 34.13 -0.92
N ARG B 570 11.91 34.74 -1.88
CA ARG B 570 11.30 35.00 -3.19
C ARG B 570 11.09 33.69 -3.96
N ALA B 571 11.99 32.72 -3.81
CA ALA B 571 11.82 31.46 -4.52
C ALA B 571 10.64 30.65 -3.97
N PHE B 572 10.33 30.82 -2.69
CA PHE B 572 9.17 30.16 -2.08
C PHE B 572 7.96 31.07 -2.00
N ASP B 573 8.07 32.32 -2.42
CA ASP B 573 6.99 33.31 -2.30
C ASP B 573 6.50 33.39 -0.86
N ILE B 574 7.46 33.65 0.04
CA ILE B 574 7.20 33.81 1.47
C ILE B 574 7.75 35.16 1.91
N GLU B 575 7.05 35.78 2.87
CA GLU B 575 7.35 37.15 3.25
C GLU B 575 8.52 37.23 4.22
N SER B 576 8.58 36.32 5.18
CA SER B 576 9.64 36.30 6.18
C SER B 576 9.88 34.88 6.63
#